data_2HAW
#
_entry.id   2HAW
#
_cell.length_a   60.011
_cell.length_b   115.867
_cell.length_c   147.874
_cell.angle_alpha   90.00
_cell.angle_beta   90.00
_cell.angle_gamma   90.00
#
_symmetry.space_group_name_H-M   'P 21 21 21'
#
loop_
_entity.id
_entity.type
_entity.pdbx_description
1 polymer 'Manganese-dependent inorganic pyrophosphatase'
2 non-polymer 'MAGNESIUM ION'
3 non-polymer 'FLUORIDE ION'
4 non-polymer 'SULFATE ION'
5 non-polymer 'CHLORIDE ION'
6 non-polymer 'TETRAETHYLENE GLYCOL'
7 non-polymer 'IMIDODIPHOSPHORIC ACID'
8 non-polymer 'PENTAETHYLENE GLYCOL'
9 non-polymer GLYCEROL
10 water water
#
_entity_poly.entity_id   1
_entity_poly.type   'polypeptide(L)'
_entity_poly.pdbx_seq_one_letter_code
;MEKILIFGHQNPDTDTICSAIAYADLKNKLGFNAEPVRLGQVNGETQYALDYFKQESPRLVETAANEVNGVILVDHNERQ
QSIKDIEEVQVLEVIDHHRIANFETAEPLYYRAEPVGCTATILNKMYKENNVKIEKEIAGLMLSAIISDSLLFKSPTCTD
QDVAAAKELAEIAGVDAEEYGLNMLKAGADLSKKTVEELISLDAKEFTLGSKKVEIAQVNTVDIEDVKKRQAELEAVISK
VVAEKNLDLFLLVITDILENDSLALAIGNEAAKVEKAFNVTLENNTALLKGVVSRKKQVVPVLTDAMAE
;
_entity_poly.pdbx_strand_id   A,B
#
loop_
_chem_comp.id
_chem_comp.type
_chem_comp.name
_chem_comp.formula
1PE non-polymer 'PENTAETHYLENE GLYCOL' 'C10 H22 O6'
2PN non-polymer 'IMIDODIPHOSPHORIC ACID' 'H5 N O6 P2'
CL non-polymer 'CHLORIDE ION' 'Cl -1'
F non-polymer 'FLUORIDE ION' 'F -1'
GOL non-polymer GLYCEROL 'C3 H8 O3'
MG non-polymer 'MAGNESIUM ION' 'Mg 2'
PG4 non-polymer 'TETRAETHYLENE GLYCOL' 'C8 H18 O5'
SO4 non-polymer 'SULFATE ION' 'O4 S -2'
#
# COMPACT_ATOMS: atom_id res chain seq x y z
N GLU A 2 -10.82 19.99 7.32
CA GLU A 2 -9.99 20.04 8.57
C GLU A 2 -10.25 18.83 9.48
N LYS A 3 -11.50 18.59 9.86
CA LYS A 3 -11.81 17.44 10.74
C LYS A 3 -11.60 16.09 10.03
N ILE A 4 -10.85 15.17 10.66
CA ILE A 4 -10.73 13.80 10.13
C ILE A 4 -11.10 12.74 11.17
N LEU A 5 -11.59 11.59 10.71
CA LEU A 5 -11.85 10.44 11.58
C LEU A 5 -10.78 9.37 11.41
N ILE A 6 -10.37 8.73 12.50
CA ILE A 6 -9.37 7.64 12.46
C ILE A 6 -10.00 6.40 13.06
N PHE A 7 -9.94 5.27 12.37
CA PHE A 7 -10.61 4.04 12.87
C PHE A 7 -9.94 2.79 12.33
N GLY A 8 -10.11 1.68 13.04
CA GLY A 8 -9.68 0.37 12.54
C GLY A 8 -10.80 -0.45 11.96
N HIS A 9 -10.64 -1.76 11.98
CA HIS A 9 -11.60 -2.63 11.29
C HIS A 9 -12.93 -2.83 12.02
N GLN A 10 -13.90 -3.36 11.29
N GLN A 10 -13.89 -3.37 11.28
CA GLN A 10 -15.16 -3.83 11.88
CA GLN A 10 -15.14 -3.89 11.83
C GLN A 10 -14.81 -4.98 12.81
C GLN A 10 -14.80 -5.00 12.82
N ASN A 11 -15.70 -5.26 13.77
CA ASN A 11 -15.40 -6.19 14.89
C ASN A 11 -14.05 -5.80 15.56
N PRO A 12 -14.01 -4.62 16.19
CA PRO A 12 -12.75 -4.05 16.64
C PRO A 12 -12.03 -4.88 17.71
N ASP A 13 -10.70 -4.95 17.60
CA ASP A 13 -9.88 -5.50 18.67
C ASP A 13 -9.07 -4.41 19.37
N THR A 14 -8.22 -4.81 20.32
CA THR A 14 -7.49 -3.88 21.14
C THR A 14 -6.56 -2.99 20.29
N ASP A 15 -5.88 -3.60 19.30
CA ASP A 15 -5.01 -2.81 18.40
C ASP A 15 -5.82 -1.79 17.59
N THR A 16 -6.97 -2.20 17.04
CA THR A 16 -7.84 -1.29 16.27
C THR A 16 -8.40 -0.11 17.10
N ILE A 17 -8.71 -0.35 18.36
CA ILE A 17 -9.21 0.71 19.21
C ILE A 17 -8.06 1.57 19.68
N CYS A 18 -7.03 0.92 20.23
CA CYS A 18 -5.95 1.68 20.85
C CYS A 18 -5.08 2.43 19.86
N SER A 19 -4.85 1.85 18.68
CA SER A 19 -4.08 2.56 17.63
C SER A 19 -4.86 3.76 17.05
N ALA A 20 -6.19 3.64 16.97
CA ALA A 20 -6.99 4.79 16.57
C ALA A 20 -6.84 5.93 17.60
N ILE A 21 -7.01 5.60 18.88
CA ILE A 21 -6.84 6.59 19.96
C ILE A 21 -5.45 7.21 19.92
N ALA A 22 -4.41 6.38 19.81
CA ALA A 22 -3.03 6.87 19.84
C ALA A 22 -2.68 7.73 18.62
N TYR A 23 -3.11 7.35 17.41
CA TYR A 23 -2.76 8.18 16.26
C TYR A 23 -3.53 9.50 16.26
N ALA A 24 -4.77 9.49 16.77
CA ALA A 24 -5.50 10.74 16.88
C ALA A 24 -4.75 11.66 17.86
N ASP A 25 -4.24 11.09 18.94
CA ASP A 25 -3.48 11.87 19.91
C ASP A 25 -2.27 12.53 19.25
N LEU A 26 -1.53 11.77 18.46
CA LEU A 26 -0.35 12.29 17.76
C LEU A 26 -0.69 13.41 16.77
N LYS A 27 -1.67 13.17 15.90
CA LYS A 27 -2.20 14.23 15.01
C LYS A 27 -2.61 15.48 15.80
N ASN A 28 -3.36 15.29 16.88
CA ASN A 28 -3.83 16.43 17.70
C ASN A 28 -2.71 17.18 18.40
N LYS A 29 -1.68 16.46 18.84
CA LYS A 29 -0.54 17.09 19.51
C LYS A 29 0.33 17.87 18.52
N LEU A 30 0.24 17.49 17.25
CA LEU A 30 0.94 18.19 16.18
C LEU A 30 0.11 19.33 15.57
N GLY A 31 -1.09 19.56 16.10
CA GLY A 31 -1.87 20.72 15.70
C GLY A 31 -2.98 20.41 14.70
N PHE A 32 -3.27 19.14 14.47
CA PHE A 32 -4.34 18.79 13.55
C PHE A 32 -5.66 18.49 14.26
N ASN A 33 -6.63 17.97 13.52
CA ASN A 33 -8.01 17.86 14.02
C ASN A 33 -8.58 16.47 13.76
N ALA A 34 -8.23 15.52 14.62
CA ALA A 34 -8.59 14.13 14.41
C ALA A 34 -9.45 13.63 15.57
N GLU A 35 -10.39 12.73 15.29
CA GLU A 35 -11.13 12.04 16.35
C GLU A 35 -11.01 10.53 16.14
N PRO A 36 -10.66 9.78 17.19
CA PRO A 36 -10.70 8.30 17.02
C PRO A 36 -12.12 7.77 17.22
N VAL A 37 -12.54 6.85 16.36
CA VAL A 37 -13.89 6.28 16.44
C VAL A 37 -13.80 4.77 16.33
N ARG A 38 -14.91 4.08 16.55
CA ARG A 38 -14.97 2.64 16.37
C ARG A 38 -16.13 2.21 15.52
N LEU A 39 -16.03 1.00 14.97
CA LEU A 39 -17.04 0.51 14.05
C LEU A 39 -17.93 -0.57 14.65
N GLY A 40 -17.67 -0.94 15.90
CA GLY A 40 -18.43 -2.01 16.56
C GLY A 40 -18.19 -1.99 18.05
N GLN A 41 -18.80 -2.94 18.78
CA GLN A 41 -18.68 -2.95 20.25
C GLN A 41 -17.27 -3.32 20.73
N VAL A 42 -16.85 -2.71 21.83
CA VAL A 42 -15.56 -2.97 22.44
C VAL A 42 -15.61 -4.35 23.09
N ASN A 43 -14.60 -5.17 22.87
CA ASN A 43 -14.59 -6.50 23.51
C ASN A 43 -14.06 -6.44 24.96
N GLY A 44 -14.13 -7.55 25.68
CA GLY A 44 -13.79 -7.58 27.12
C GLY A 44 -12.32 -7.37 27.41
N GLU A 45 -11.48 -7.77 26.46
CA GLU A 45 -10.04 -7.52 26.53
C GLU A 45 -9.74 -6.01 26.43
N THR A 46 -10.30 -5.37 25.41
CA THR A 46 -10.11 -3.93 25.20
C THR A 46 -10.72 -3.14 26.35
N GLN A 47 -11.88 -3.60 26.82
CA GLN A 47 -12.51 -2.92 27.92
C GLN A 47 -11.62 -2.96 29.18
N TYR A 48 -11.01 -4.11 29.44
CA TYR A 48 -10.06 -4.24 30.58
C TYR A 48 -8.98 -3.14 30.52
N ALA A 49 -8.43 -2.94 29.32
CA ALA A 49 -7.40 -1.93 29.06
C ALA A 49 -7.86 -0.48 29.24
N LEU A 50 -9.09 -0.18 28.74
CA LEU A 50 -9.63 1.17 28.92
C LEU A 50 -9.93 1.48 30.39
N ASP A 51 -10.41 0.48 31.14
CA ASP A 51 -10.70 0.63 32.57
C ASP A 51 -9.40 0.84 33.32
N TYR A 52 -8.41 -0.01 32.99
CA TYR A 52 -7.08 0.03 33.65
C TYR A 52 -6.40 1.37 33.44
N PHE A 53 -6.47 1.91 32.22
CA PHE A 53 -5.80 3.16 31.93
C PHE A 53 -6.73 4.39 31.94
N LYS A 54 -7.92 4.23 32.59
CA LYS A 54 -8.89 5.31 32.86
C LYS A 54 -9.29 6.12 31.60
N GLN A 55 -9.51 5.40 30.49
CA GLN A 55 -9.77 5.99 29.18
C GLN A 55 -11.15 5.64 28.66
N GLU A 56 -11.84 6.58 28.00
CA GLU A 56 -13.19 6.26 27.48
C GLU A 56 -13.08 5.55 26.15
N SER A 57 -14.15 4.83 25.78
CA SER A 57 -14.23 4.19 24.46
C SER A 57 -14.51 5.24 23.42
N PRO A 58 -13.85 5.13 22.25
CA PRO A 58 -14.11 5.97 21.09
C PRO A 58 -15.58 5.95 20.68
N ARG A 59 -16.07 7.05 20.15
CA ARG A 59 -17.46 7.17 19.71
C ARG A 59 -17.78 6.14 18.62
N LEU A 60 -18.93 5.45 18.71
CA LEU A 60 -19.31 4.47 17.70
C LEU A 60 -19.93 5.17 16.49
N VAL A 61 -19.45 4.83 15.27
CA VAL A 61 -20.03 5.40 14.04
C VAL A 61 -20.45 4.32 13.07
N GLU A 62 -21.45 4.60 12.23
CA GLU A 62 -21.85 3.69 11.15
C GLU A 62 -21.36 4.19 9.79
N THR A 63 -21.23 5.51 9.64
CA THR A 63 -20.84 6.13 8.38
C THR A 63 -19.88 7.28 8.65
N ALA A 64 -19.08 7.64 7.65
CA ALA A 64 -18.16 8.77 7.82
C ALA A 64 -18.46 9.99 6.94
N ALA A 65 -19.11 9.79 5.80
CA ALA A 65 -19.20 10.83 4.77
C ALA A 65 -20.08 12.01 5.13
N ASN A 66 -21.07 11.74 5.99
CA ASN A 66 -21.94 12.75 6.58
C ASN A 66 -21.21 13.65 7.58
N GLU A 67 -20.03 13.22 8.03
CA GLU A 67 -19.25 13.97 9.01
C GLU A 67 -18.01 14.61 8.40
N VAL A 68 -17.22 13.84 7.65
CA VAL A 68 -15.91 14.30 7.17
C VAL A 68 -15.72 14.02 5.67
N ASN A 69 -14.69 14.62 5.08
CA ASN A 69 -14.28 14.32 3.70
C ASN A 69 -13.14 13.31 3.64
N GLY A 70 -12.31 13.29 4.68
CA GLY A 70 -11.12 12.43 4.71
C GLY A 70 -11.01 11.59 5.97
N VAL A 71 -10.47 10.38 5.82
CA VAL A 71 -10.29 9.46 6.95
C VAL A 71 -8.88 8.87 6.95
N ILE A 72 -8.48 8.33 8.11
CA ILE A 72 -7.24 7.57 8.24
C ILE A 72 -7.59 6.17 8.75
N LEU A 73 -7.07 5.15 8.08
CA LEU A 73 -7.28 3.77 8.50
C LEU A 73 -6.12 3.26 9.33
N VAL A 74 -6.41 2.62 10.47
CA VAL A 74 -5.36 1.90 11.18
C VAL A 74 -5.69 0.41 11.21
N ASP A 75 -4.66 -0.45 11.17
CA ASP A 75 -4.86 -1.89 11.46
C ASP A 75 -5.75 -2.63 10.42
N HIS A 76 -5.95 -2.01 9.25
CA HIS A 76 -6.65 -2.66 8.14
C HIS A 76 -6.55 -1.80 6.89
N ASN A 77 -6.83 -2.41 5.74
CA ASN A 77 -7.01 -1.68 4.53
C ASN A 77 -8.18 -2.18 3.65
N GLU A 78 -8.53 -3.47 3.73
CA GLU A 78 -9.48 -4.03 2.76
C GLU A 78 -10.86 -3.40 2.95
N ARG A 79 -11.48 -3.01 1.83
CA ARG A 79 -12.79 -2.29 1.89
C ARG A 79 -13.86 -2.99 2.69
N GLN A 80 -13.94 -4.31 2.53
CA GLN A 80 -15.02 -5.07 3.20
C GLN A 80 -14.77 -5.22 4.70
N GLN A 81 -13.59 -4.86 5.20
CA GLN A 81 -13.33 -4.82 6.64
C GLN A 81 -13.52 -3.42 7.23
N SER A 82 -13.80 -2.44 6.38
CA SER A 82 -13.81 -1.03 6.79
C SER A 82 -15.22 -0.48 6.99
N ILE A 83 -15.34 0.84 7.07
CA ILE A 83 -16.65 1.46 7.34
C ILE A 83 -17.54 1.29 6.09
N LYS A 84 -18.84 1.18 6.27
CA LYS A 84 -19.72 0.81 5.17
C LYS A 84 -19.69 1.83 4.01
N ASP A 85 -19.42 3.10 4.30
CA ASP A 85 -19.42 4.11 3.24
C ASP A 85 -18.02 4.54 2.86
N ILE A 86 -17.05 3.64 3.02
CA ILE A 86 -15.64 3.94 2.74
C ILE A 86 -15.42 4.49 1.31
N GLU A 87 -16.27 4.09 0.35
CA GLU A 87 -16.15 4.59 -1.02
C GLU A 87 -16.53 6.07 -1.20
N GLU A 88 -17.21 6.62 -0.20
N GLU A 88 -17.20 6.63 -0.20
CA GLU A 88 -17.72 7.98 -0.24
CA GLU A 88 -17.68 8.01 -0.29
C GLU A 88 -16.82 9.00 0.49
C GLU A 88 -16.71 9.02 0.32
N VAL A 89 -15.67 8.53 1.00
CA VAL A 89 -14.68 9.42 1.61
C VAL A 89 -13.27 9.20 1.03
N GLN A 90 -12.38 10.16 1.20
CA GLN A 90 -11.00 9.97 0.75
C GLN A 90 -10.18 9.35 1.87
N VAL A 91 -9.47 8.26 1.56
CA VAL A 91 -8.49 7.73 2.49
C VAL A 91 -7.18 8.50 2.38
N LEU A 92 -6.89 9.28 3.41
CA LEU A 92 -5.70 10.14 3.43
C LEU A 92 -4.45 9.36 3.80
N GLU A 93 -4.59 8.38 4.70
CA GLU A 93 -3.44 7.60 5.17
C GLU A 93 -3.91 6.22 5.61
N VAL A 94 -2.97 5.28 5.60
CA VAL A 94 -3.18 3.94 6.16
C VAL A 94 -1.93 3.58 6.96
N ILE A 95 -2.11 3.19 8.23
CA ILE A 95 -0.97 2.67 9.02
C ILE A 95 -1.39 1.22 9.37
N ASP A 96 -0.63 0.22 8.95
CA ASP A 96 -1.17 -1.13 9.02
C ASP A 96 -0.06 -2.18 9.06
N HIS A 97 -0.44 -3.44 9.28
CA HIS A 97 0.54 -4.55 9.29
C HIS A 97 -0.07 -5.82 8.71
N HIS A 98 -1.00 -5.64 7.78
CA HIS A 98 -1.68 -6.76 7.10
C HIS A 98 -1.29 -6.85 5.63
N ARG A 99 -1.68 -7.95 4.99
CA ARG A 99 -1.62 -8.04 3.53
C ARG A 99 -2.52 -6.96 2.95
N ILE A 100 -2.17 -6.56 1.73
CA ILE A 100 -2.97 -5.55 1.03
C ILE A 100 -3.90 -6.23 0.02
N ALA A 101 -5.19 -5.85 0.05
CA ALA A 101 -6.12 -6.34 -0.96
C ALA A 101 -7.36 -5.48 -0.96
N ASN A 102 -8.08 -5.45 -2.10
N ASN A 102 -8.12 -5.49 -2.05
CA ASN A 102 -9.37 -4.74 -2.16
CA ASN A 102 -9.38 -4.74 -2.13
C ASN A 102 -9.27 -3.30 -1.71
C ASN A 102 -9.23 -3.31 -1.64
N PHE A 103 -8.19 -2.64 -2.11
CA PHE A 103 -7.90 -1.28 -1.64
C PHE A 103 -7.40 -0.47 -2.82
N GLU A 104 -8.09 0.62 -3.14
CA GLU A 104 -7.65 1.44 -4.26
C GLU A 104 -7.91 2.89 -3.91
N THR A 105 -7.03 3.78 -4.34
CA THR A 105 -7.21 5.23 -4.19
C THR A 105 -7.15 5.91 -5.51
N ALA A 106 -7.84 7.06 -5.64
CA ALA A 106 -7.70 7.88 -6.83
C ALA A 106 -6.41 8.70 -6.90
N GLU A 107 -5.84 9.05 -5.74
CA GLU A 107 -4.73 10.02 -5.62
C GLU A 107 -3.60 9.34 -4.80
N PRO A 108 -2.37 9.85 -4.91
CA PRO A 108 -1.31 9.41 -3.98
C PRO A 108 -1.71 9.60 -2.52
N LEU A 109 -1.18 8.78 -1.61
CA LEU A 109 -1.49 8.92 -0.19
C LEU A 109 -0.28 8.48 0.62
N TYR A 110 -0.37 8.67 1.94
CA TYR A 110 0.66 8.16 2.87
C TYR A 110 0.24 6.76 3.26
N TYR A 111 0.92 5.74 2.75
CA TYR A 111 0.56 4.35 3.11
C TYR A 111 1.76 3.76 3.79
N ARG A 112 1.59 3.35 5.06
CA ARG A 112 2.71 2.86 5.83
C ARG A 112 2.31 1.51 6.44
N ALA A 113 2.75 0.44 5.77
CA ALA A 113 2.59 -0.91 6.32
C ALA A 113 3.96 -1.50 6.59
N GLU A 114 4.10 -2.11 7.76
CA GLU A 114 5.33 -2.84 8.11
C GLU A 114 4.91 -4.21 8.63
N PRO A 115 5.63 -5.27 8.27
CA PRO A 115 5.23 -6.64 8.66
C PRO A 115 5.69 -6.97 10.09
N VAL A 116 5.22 -6.15 11.02
CA VAL A 116 5.53 -6.27 12.45
C VAL A 116 4.32 -6.85 13.18
N GLY A 117 4.48 -7.05 14.47
CA GLY A 117 3.43 -7.73 15.22
C GLY A 117 2.19 -6.93 15.57
N CYS A 118 2.27 -5.60 15.49
CA CYS A 118 1.19 -4.74 15.99
C CYS A 118 1.26 -3.35 15.34
N THR A 119 0.12 -2.77 14.95
CA THR A 119 0.09 -1.39 14.42
C THR A 119 0.73 -0.39 15.41
N ALA A 120 0.48 -0.59 16.72
CA ALA A 120 0.98 0.35 17.72
C ALA A 120 2.48 0.41 17.74
N THR A 121 3.13 -0.70 17.34
CA THR A 121 4.59 -0.69 17.20
C THR A 121 5.08 0.35 16.17
N ILE A 122 4.33 0.50 15.10
CA ILE A 122 4.60 1.51 14.07
C ILE A 122 4.33 2.91 14.62
N LEU A 123 3.21 3.08 15.29
CA LEU A 123 2.88 4.39 15.87
C LEU A 123 3.92 4.85 16.89
N ASN A 124 4.48 3.91 17.64
CA ASN A 124 5.55 4.24 18.60
C ASN A 124 6.75 4.90 17.89
N LYS A 125 7.13 4.35 16.74
CA LYS A 125 8.16 4.98 15.89
C LYS A 125 7.77 6.36 15.44
N MET A 126 6.50 6.53 15.07
CA MET A 126 5.98 7.81 14.57
C MET A 126 5.97 8.92 15.61
N TYR A 127 5.68 8.57 16.86
CA TYR A 127 5.81 9.56 17.94
C TYR A 127 7.24 10.04 18.05
N LYS A 128 8.18 9.10 17.94
CA LYS A 128 9.62 9.48 18.00
C LYS A 128 10.07 10.31 16.81
N GLU A 129 9.61 9.95 15.60
CA GLU A 129 9.94 10.70 14.39
C GLU A 129 9.50 12.14 14.46
N ASN A 130 8.40 12.38 15.18
CA ASN A 130 7.82 13.70 15.26
C ASN A 130 8.16 14.42 16.57
N ASN A 131 8.93 13.76 17.42
CA ASN A 131 9.36 14.33 18.71
C ASN A 131 8.18 14.67 19.63
N VAL A 132 7.21 13.77 19.73
CA VAL A 132 6.06 13.94 20.60
C VAL A 132 6.08 12.93 21.74
N LYS A 133 5.98 13.45 22.97
CA LYS A 133 5.95 12.65 24.20
C LYS A 133 4.70 11.81 24.23
N ILE A 134 4.86 10.54 24.60
CA ILE A 134 3.71 9.66 24.78
C ILE A 134 3.23 9.76 26.24
N GLU A 135 1.97 10.13 26.44
CA GLU A 135 1.45 10.27 27.81
C GLU A 135 1.30 8.90 28.44
N LYS A 136 1.42 8.83 29.77
CA LYS A 136 1.32 7.57 30.53
C LYS A 136 0.14 6.65 30.16
N GLU A 137 -1.07 7.25 30.09
CA GLU A 137 -2.29 6.52 29.77
C GLU A 137 -2.26 6.00 28.32
N ILE A 138 -1.74 6.81 27.40
CA ILE A 138 -1.65 6.43 25.98
C ILE A 138 -0.61 5.30 25.77
N ALA A 139 0.51 5.39 26.48
CA ALA A 139 1.52 4.31 26.44
C ALA A 139 0.93 2.98 26.92
N GLY A 140 0.07 3.02 27.93
CA GLY A 140 -0.59 1.80 28.40
C GLY A 140 -1.53 1.16 27.38
N LEU A 141 -2.22 2.01 26.61
CA LEU A 141 -3.08 1.51 25.56
C LEU A 141 -2.26 0.90 24.40
N MET A 142 -1.17 1.56 24.04
CA MET A 142 -0.26 1.04 23.01
C MET A 142 0.35 -0.28 23.44
N LEU A 143 0.79 -0.34 24.69
CA LEU A 143 1.27 -1.59 25.27
C LEU A 143 0.22 -2.71 25.20
N SER A 144 -1.01 -2.37 25.61
CA SER A 144 -2.13 -3.29 25.53
C SER A 144 -2.35 -3.84 24.12
N ALA A 145 -2.23 -2.97 23.11
CA ALA A 145 -2.34 -3.40 21.71
C ALA A 145 -1.25 -4.42 21.37
N ILE A 146 -0.01 -4.15 21.79
CA ILE A 146 1.11 -5.07 21.49
C ILE A 146 0.96 -6.44 22.19
N ILE A 147 0.59 -6.41 23.47
CA ILE A 147 0.36 -7.67 24.19
C ILE A 147 -0.81 -8.46 23.55
N SER A 148 -1.83 -7.74 23.12
CA SER A 148 -2.98 -8.37 22.49
C SER A 148 -2.66 -9.08 21.18
N ASP A 149 -2.03 -8.36 20.26
CA ASP A 149 -1.69 -8.89 18.93
C ASP A 149 -0.63 -9.98 19.02
N SER A 150 0.22 -9.92 20.05
CA SER A 150 1.33 -10.88 20.14
C SER A 150 1.05 -12.06 21.06
N LEU A 151 -0.13 -12.06 21.68
CA LEU A 151 -0.47 -13.02 22.75
C LEU A 151 0.64 -13.13 23.81
N LEU A 152 1.01 -11.97 24.35
CA LEU A 152 2.09 -11.87 25.34
C LEU A 152 3.42 -12.38 24.79
N PHE A 153 3.76 -11.91 23.60
CA PHE A 153 5.02 -12.21 22.90
C PHE A 153 5.23 -13.65 22.49
N LYS A 154 4.12 -14.37 22.26
CA LYS A 154 4.18 -15.79 21.89
C LYS A 154 3.84 -16.04 20.42
N SER A 155 3.16 -15.09 19.79
CA SER A 155 2.73 -15.23 18.39
C SER A 155 3.92 -15.11 17.45
N PRO A 156 3.93 -15.87 16.33
CA PRO A 156 5.04 -15.77 15.38
C PRO A 156 5.12 -14.45 14.61
N THR A 157 4.10 -13.61 14.73
CA THR A 157 4.12 -12.27 14.14
C THR A 157 4.95 -11.32 15.00
N CYS A 158 5.20 -11.70 16.25
CA CYS A 158 5.93 -10.84 17.17
C CYS A 158 7.41 -10.71 16.74
N THR A 159 7.90 -9.49 16.57
CA THR A 159 9.30 -9.28 16.15
C THR A 159 10.06 -8.59 17.27
N ASP A 160 11.37 -8.45 17.09
CA ASP A 160 12.20 -7.74 18.05
C ASP A 160 11.75 -6.28 18.26
N GLN A 161 11.24 -5.66 17.20
CA GLN A 161 10.71 -4.29 17.29
C GLN A 161 9.48 -4.21 18.19
N ASP A 162 8.63 -5.24 18.13
CA ASP A 162 7.45 -5.29 18.99
C ASP A 162 7.86 -5.43 20.45
N VAL A 163 8.84 -6.31 20.70
CA VAL A 163 9.30 -6.52 22.08
C VAL A 163 9.93 -5.24 22.63
N ALA A 164 10.76 -4.60 21.81
CA ALA A 164 11.40 -3.34 22.22
C ALA A 164 10.41 -2.22 22.49
N ALA A 165 9.42 -2.05 21.60
CA ALA A 165 8.33 -1.10 21.81
C ALA A 165 7.62 -1.34 23.13
N ALA A 166 7.25 -2.60 23.38
CA ALA A 166 6.52 -2.95 24.60
C ALA A 166 7.32 -2.61 25.87
N LYS A 167 8.63 -2.82 25.80
CA LYS A 167 9.49 -2.55 26.93
C LYS A 167 9.53 -1.05 27.25
N GLU A 168 9.62 -0.21 26.22
CA GLU A 168 9.59 1.25 26.41
C GLU A 168 8.23 1.71 26.92
N LEU A 169 7.17 1.21 26.30
CA LEU A 169 5.81 1.64 26.67
C LEU A 169 5.43 1.20 28.07
N ALA A 170 5.87 0.00 28.49
CA ALA A 170 5.56 -0.49 29.84
C ALA A 170 6.23 0.35 30.91
N GLU A 171 7.40 0.87 30.57
CA GLU A 171 8.12 1.79 31.44
C GLU A 171 7.40 3.13 31.54
N ILE A 172 6.95 3.67 30.41
CA ILE A 172 6.17 4.93 30.41
C ILE A 172 4.85 4.74 31.19
N ALA A 173 4.16 3.63 30.92
CA ALA A 173 2.87 3.29 31.56
C ALA A 173 2.96 2.96 33.04
N GLY A 174 4.16 2.56 33.48
CA GLY A 174 4.40 2.23 34.88
C GLY A 174 3.86 0.88 35.28
N VAL A 175 3.77 -0.07 34.34
CA VAL A 175 3.27 -1.41 34.67
C VAL A 175 4.26 -2.53 34.35
N ASP A 176 4.09 -3.66 35.02
CA ASP A 176 4.81 -4.86 34.64
C ASP A 176 4.05 -5.47 33.50
N ALA A 177 4.69 -5.59 32.35
CA ALA A 177 4.04 -6.09 31.15
C ALA A 177 3.49 -7.52 31.31
N GLU A 178 4.25 -8.38 31.99
CA GLU A 178 3.89 -9.77 32.14
C GLU A 178 2.68 -9.95 33.06
N GLU A 179 2.60 -9.15 34.12
CA GLU A 179 1.53 -9.29 35.09
C GLU A 179 0.23 -8.67 34.56
N TYR A 180 0.32 -7.42 34.10
CA TYR A 180 -0.80 -6.75 33.46
C TYR A 180 -1.29 -7.53 32.23
N GLY A 181 -0.34 -7.97 31.40
CA GLY A 181 -0.67 -8.67 30.15
C GLY A 181 -1.39 -9.99 30.30
N LEU A 182 -0.99 -10.80 31.29
CA LEU A 182 -1.66 -12.08 31.54
C LEU A 182 -3.11 -11.86 31.98
N ASN A 183 -3.32 -10.84 32.81
CA ASN A 183 -4.65 -10.44 33.27
C ASN A 183 -5.55 -9.92 32.15
N MET A 184 -5.01 -9.04 31.32
CA MET A 184 -5.75 -8.46 30.18
C MET A 184 -6.21 -9.53 29.20
N LEU A 185 -5.30 -10.42 28.84
CA LEU A 185 -5.61 -11.53 27.92
C LEU A 185 -6.68 -12.45 28.51
N LYS A 186 -6.58 -12.72 29.82
CA LYS A 186 -7.58 -13.56 30.49
C LYS A 186 -8.98 -12.94 30.42
N ALA A 187 -9.07 -11.62 30.60
CA ALA A 187 -10.33 -10.89 30.43
C ALA A 187 -11.03 -11.12 29.09
N GLY A 188 -10.27 -11.22 28.01
CA GLY A 188 -10.86 -11.53 26.70
C GLY A 188 -11.17 -13.00 26.46
N ALA A 189 -10.63 -13.88 27.32
CA ALA A 189 -10.79 -15.32 27.18
C ALA A 189 -12.00 -15.81 27.98
N ASP A 190 -12.72 -14.87 28.58
CA ASP A 190 -13.86 -15.15 29.42
C ASP A 190 -15.09 -15.27 28.54
N LEU A 191 -15.50 -16.50 28.24
CA LEU A 191 -16.53 -16.71 27.22
C LEU A 191 -17.86 -17.03 27.84
N SER A 192 -17.92 -16.99 29.16
CA SER A 192 -19.05 -17.49 29.96
C SER A 192 -20.37 -16.81 29.66
N LYS A 193 -20.34 -15.50 29.42
CA LYS A 193 -21.58 -14.78 29.15
C LYS A 193 -21.82 -14.56 27.65
N LYS A 194 -21.02 -15.21 26.81
CA LYS A 194 -21.13 -15.00 25.37
C LYS A 194 -22.05 -15.99 24.64
N THR A 195 -22.93 -15.46 23.81
CA THR A 195 -23.77 -16.28 22.94
C THR A 195 -22.90 -16.80 21.78
N VAL A 196 -23.35 -17.85 21.08
CA VAL A 196 -22.56 -18.32 19.91
C VAL A 196 -22.53 -17.26 18.81
N GLU A 197 -23.56 -16.42 18.74
CA GLU A 197 -23.58 -15.30 17.77
C GLU A 197 -22.43 -14.34 18.01
N GLU A 198 -22.19 -14.06 19.28
CA GLU A 198 -21.02 -13.27 19.67
C GLU A 198 -19.71 -13.98 19.39
N LEU A 199 -19.65 -15.28 19.67
CA LEU A 199 -18.39 -16.03 19.52
C LEU A 199 -17.92 -16.00 18.08
N ILE A 200 -18.86 -16.13 17.15
CA ILE A 200 -18.42 -16.13 15.73
C ILE A 200 -18.32 -14.74 15.11
N SER A 201 -18.62 -13.68 15.88
CA SER A 201 -18.54 -12.34 15.31
C SER A 201 -17.54 -11.41 15.97
N LEU A 202 -17.24 -11.65 17.25
N LEU A 202 -17.21 -11.61 17.24
CA LEU A 202 -16.34 -10.78 18.03
CA LEU A 202 -16.35 -10.67 17.98
C LEU A 202 -15.02 -10.48 17.31
C LEU A 202 -14.93 -10.50 17.41
N ASP A 203 -14.43 -11.49 16.66
CA ASP A 203 -13.14 -11.33 16.00
C ASP A 203 -13.22 -12.00 14.64
N ALA A 204 -14.24 -11.62 13.88
CA ALA A 204 -14.44 -12.12 12.52
C ALA A 204 -13.93 -11.13 11.47
N LYS A 205 -13.25 -11.62 10.42
CA LYS A 205 -12.89 -10.78 9.29
C LYS A 205 -13.26 -11.46 7.98
N GLU A 206 -13.74 -10.69 7.02
CA GLU A 206 -14.05 -11.19 5.67
C GLU A 206 -12.88 -10.97 4.73
N PHE A 207 -12.71 -11.89 3.78
CA PHE A 207 -11.65 -11.85 2.77
C PHE A 207 -12.20 -12.37 1.46
N THR A 208 -11.57 -11.99 0.36
CA THR A 208 -11.73 -12.71 -0.90
C THR A 208 -10.40 -13.39 -1.23
N LEU A 209 -10.43 -14.70 -1.38
CA LEU A 209 -9.23 -15.50 -1.59
C LEU A 209 -9.33 -16.09 -2.98
N GLY A 210 -8.54 -15.53 -3.91
CA GLY A 210 -8.76 -15.78 -5.33
C GLY A 210 -10.15 -15.32 -5.72
N SER A 211 -11.00 -16.25 -6.16
CA SER A 211 -12.36 -15.86 -6.51
C SER A 211 -13.36 -16.33 -5.44
N LYS A 212 -12.83 -16.78 -4.30
N LYS A 212 -12.83 -16.79 -4.31
CA LYS A 212 -13.68 -17.39 -3.27
CA LYS A 212 -13.68 -17.36 -3.28
C LYS A 212 -13.92 -16.44 -2.10
C LYS A 212 -13.94 -16.37 -2.16
N LYS A 213 -15.16 -16.35 -1.65
CA LYS A 213 -15.54 -15.44 -0.59
C LYS A 213 -15.45 -16.18 0.74
N VAL A 214 -14.68 -15.65 1.69
CA VAL A 214 -14.36 -16.37 2.93
C VAL A 214 -14.55 -15.49 4.20
N GLU A 215 -14.99 -16.08 5.31
CA GLU A 215 -14.97 -15.37 6.58
C GLU A 215 -14.13 -16.22 7.54
N ILE A 216 -13.19 -15.57 8.23
CA ILE A 216 -12.35 -16.25 9.22
C ILE A 216 -12.58 -15.57 10.56
N ALA A 217 -13.10 -16.31 11.54
CA ALA A 217 -13.34 -15.76 12.84
C ALA A 217 -12.38 -16.43 13.81
N GLN A 218 -11.92 -15.68 14.81
CA GLN A 218 -11.06 -16.27 15.84
C GLN A 218 -11.65 -16.06 17.25
N VAL A 219 -11.38 -16.99 18.15
N VAL A 219 -11.46 -17.03 18.14
CA VAL A 219 -11.76 -16.86 19.56
CA VAL A 219 -11.73 -16.81 19.57
C VAL A 219 -10.62 -17.33 20.45
C VAL A 219 -10.52 -17.23 20.38
N ASN A 220 -10.30 -16.52 21.47
CA ASN A 220 -9.23 -16.81 22.39
C ASN A 220 -9.83 -17.60 23.55
N THR A 221 -9.19 -18.71 23.93
CA THR A 221 -9.71 -19.55 25.02
C THR A 221 -8.55 -20.12 25.83
N VAL A 222 -8.86 -20.59 27.03
CA VAL A 222 -7.92 -21.32 27.85
C VAL A 222 -8.34 -22.77 27.96
N ASP A 223 -9.44 -23.11 27.27
CA ASP A 223 -9.96 -24.46 27.21
C ASP A 223 -10.76 -24.64 25.92
N ILE A 224 -10.11 -25.19 24.90
CA ILE A 224 -10.76 -25.53 23.62
C ILE A 224 -12.02 -26.38 23.80
N GLU A 225 -11.95 -27.41 24.64
CA GLU A 225 -13.10 -28.31 24.82
C GLU A 225 -14.34 -27.64 25.42
N ASP A 226 -14.13 -26.52 26.11
CA ASP A 226 -15.25 -25.72 26.58
C ASP A 226 -16.04 -25.08 25.43
N VAL A 227 -15.35 -24.67 24.37
CA VAL A 227 -16.10 -24.14 23.24
C VAL A 227 -16.54 -25.27 22.28
N LYS A 228 -15.72 -26.31 22.14
CA LYS A 228 -16.06 -27.49 21.31
C LYS A 228 -17.39 -28.18 21.69
N LYS A 229 -17.76 -28.14 22.97
CA LYS A 229 -19.04 -28.70 23.38
C LYS A 229 -20.26 -27.87 22.91
N ARG A 230 -20.01 -26.70 22.32
CA ARG A 230 -21.07 -25.88 21.74
C ARG A 230 -21.12 -26.03 20.22
N GLN A 231 -20.44 -27.04 19.68
CA GLN A 231 -20.33 -27.22 18.23
C GLN A 231 -21.66 -27.19 17.46
N ALA A 232 -22.69 -27.91 17.92
CA ALA A 232 -23.98 -27.91 17.20
C ALA A 232 -24.55 -26.50 17.06
N GLU A 233 -24.51 -25.73 18.14
CA GLU A 233 -25.01 -24.36 18.14
C GLU A 233 -24.12 -23.46 17.29
N LEU A 234 -22.82 -23.71 17.33
CA LEU A 234 -21.89 -22.99 16.48
C LEU A 234 -22.14 -23.26 15.00
N GLU A 235 -22.41 -24.51 14.64
CA GLU A 235 -22.67 -24.85 13.25
C GLU A 235 -23.95 -24.19 12.76
N ALA A 236 -24.96 -24.09 13.63
CA ALA A 236 -26.20 -23.41 13.27
C ALA A 236 -25.96 -21.96 12.86
N VAL A 237 -25.31 -21.17 13.72
N VAL A 237 -25.28 -21.21 13.72
CA VAL A 237 -25.08 -19.76 13.37
CA VAL A 237 -25.03 -19.78 13.50
C VAL A 237 -24.08 -19.56 12.23
C VAL A 237 -24.05 -19.54 12.32
N ILE A 238 -23.04 -20.39 12.17
CA ILE A 238 -22.11 -20.30 11.05
C ILE A 238 -22.78 -20.59 9.70
N SER A 239 -23.52 -21.69 9.63
N SER A 239 -23.55 -21.67 9.64
CA SER A 239 -24.20 -22.01 8.36
CA SER A 239 -24.27 -22.05 8.41
C SER A 239 -25.17 -20.89 7.93
C SER A 239 -25.29 -20.99 7.94
N LYS A 240 -25.82 -20.24 8.89
CA LYS A 240 -26.72 -19.11 8.58
C LYS A 240 -25.92 -17.98 7.88
N VAL A 241 -24.77 -17.65 8.45
CA VAL A 241 -23.86 -16.69 7.82
C VAL A 241 -23.38 -17.10 6.43
N VAL A 242 -22.97 -18.36 6.28
CA VAL A 242 -22.53 -18.90 4.98
C VAL A 242 -23.60 -18.70 3.90
N ALA A 243 -24.85 -19.02 4.24
CA ALA A 243 -25.98 -18.83 3.32
C ALA A 243 -26.23 -17.35 3.01
N GLU A 244 -26.31 -16.51 4.05
CA GLU A 244 -26.68 -15.11 3.90
C GLU A 244 -25.66 -14.30 3.10
N LYS A 245 -24.38 -14.56 3.38
CA LYS A 245 -23.27 -13.84 2.72
C LYS A 245 -22.74 -14.55 1.48
N ASN A 246 -23.36 -15.66 1.07
CA ASN A 246 -22.84 -16.49 -0.03
C ASN A 246 -21.36 -16.86 0.09
N LEU A 247 -20.94 -17.30 1.28
CA LEU A 247 -19.55 -17.68 1.49
C LEU A 247 -19.21 -19.03 0.89
N ASP A 248 -17.98 -19.16 0.38
CA ASP A 248 -17.43 -20.43 -0.01
C ASP A 248 -16.88 -21.18 1.23
N LEU A 249 -16.54 -20.40 2.26
CA LEU A 249 -15.94 -20.99 3.44
C LEU A 249 -16.11 -20.05 4.62
N PHE A 250 -16.55 -20.61 5.75
CA PHE A 250 -16.42 -19.92 7.04
C PHE A 250 -15.52 -20.78 7.91
N LEU A 251 -14.41 -20.20 8.37
CA LEU A 251 -13.47 -20.89 9.22
C LEU A 251 -13.42 -20.24 10.60
N LEU A 252 -13.81 -20.99 11.62
CA LEU A 252 -13.69 -20.57 13.02
C LEU A 252 -12.40 -21.15 13.59
N VAL A 253 -11.53 -20.29 14.09
CA VAL A 253 -10.27 -20.71 14.65
C VAL A 253 -10.35 -20.52 16.18
N ILE A 254 -10.33 -21.62 16.93
CA ILE A 254 -10.52 -21.57 18.38
C ILE A 254 -9.16 -21.80 19.00
N THR A 255 -8.56 -20.72 19.49
CA THR A 255 -7.16 -20.72 19.88
C THR A 255 -6.92 -20.84 21.38
N ASP A 256 -6.14 -21.83 21.76
CA ASP A 256 -5.71 -21.97 23.15
C ASP A 256 -4.51 -21.05 23.31
N ILE A 257 -4.73 -19.94 24.01
CA ILE A 257 -3.72 -18.89 24.09
C ILE A 257 -2.56 -19.20 25.03
N LEU A 258 -2.71 -20.25 25.84
CA LEU A 258 -1.63 -20.74 26.69
C LEU A 258 -0.80 -21.81 25.98
N GLU A 259 -1.45 -22.59 25.12
CA GLU A 259 -0.78 -23.73 24.52
C GLU A 259 -0.35 -23.51 23.09
N ASN A 260 -0.72 -22.36 22.54
CA ASN A 260 -0.42 -21.99 21.15
C ASN A 260 -0.88 -23.00 20.07
N ASP A 261 -2.06 -23.58 20.28
CA ASP A 261 -2.67 -24.48 19.31
C ASP A 261 -4.06 -23.94 19.01
N SER A 262 -4.59 -24.26 17.84
CA SER A 262 -5.98 -23.91 17.55
C SER A 262 -6.80 -25.11 17.07
N LEU A 263 -8.09 -25.11 17.38
CA LEU A 263 -9.03 -26.06 16.77
C LEU A 263 -9.77 -25.33 15.65
N ALA A 264 -9.73 -25.89 14.44
CA ALA A 264 -10.46 -25.33 13.32
C ALA A 264 -11.87 -25.93 13.28
N LEU A 265 -12.90 -25.12 13.02
CA LEU A 265 -14.24 -25.59 12.65
C LEU A 265 -14.54 -24.94 11.28
N ALA A 266 -14.66 -25.77 10.25
CA ALA A 266 -14.75 -25.30 8.87
C ALA A 266 -16.09 -25.71 8.28
N ILE A 267 -16.82 -24.75 7.73
CA ILE A 267 -18.18 -25.03 7.20
C ILE A 267 -18.26 -24.34 5.84
N GLY A 268 -18.82 -25.00 4.84
CA GLY A 268 -18.92 -24.39 3.52
C GLY A 268 -18.36 -25.29 2.43
N ASN A 269 -18.62 -24.94 1.17
CA ASN A 269 -18.24 -25.79 0.02
C ASN A 269 -16.75 -26.02 -0.04
N GLU A 270 -15.98 -25.07 0.45
CA GLU A 270 -14.53 -25.21 0.35
C GLU A 270 -13.82 -25.65 1.62
N ALA A 271 -14.55 -26.30 2.52
CA ALA A 271 -13.99 -26.84 3.76
C ALA A 271 -12.78 -27.76 3.53
N ALA A 272 -12.85 -28.61 2.52
CA ALA A 272 -11.71 -29.49 2.17
C ALA A 272 -10.39 -28.77 1.87
N LYS A 273 -10.46 -27.50 1.49
CA LYS A 273 -9.23 -26.73 1.29
C LYS A 273 -8.48 -26.43 2.58
N VAL A 274 -9.16 -26.49 3.73
CA VAL A 274 -8.51 -26.40 5.03
C VAL A 274 -7.60 -27.61 5.30
N GLU A 275 -8.05 -28.79 4.85
CA GLU A 275 -7.25 -30.01 4.95
C GLU A 275 -5.96 -29.86 4.16
N LYS A 276 -6.06 -29.28 2.96
CA LYS A 276 -4.89 -29.04 2.12
C LYS A 276 -3.97 -27.96 2.70
N ALA A 277 -4.56 -26.88 3.23
CA ALA A 277 -3.79 -25.77 3.76
C ALA A 277 -2.97 -26.14 4.99
N PHE A 278 -3.48 -27.06 5.79
CA PHE A 278 -2.81 -27.38 7.06
C PHE A 278 -2.28 -28.80 7.18
N ASN A 279 -2.46 -29.61 6.12
CA ASN A 279 -2.09 -31.03 6.10
C ASN A 279 -2.74 -31.75 7.28
N VAL A 280 -4.08 -31.63 7.38
CA VAL A 280 -4.84 -32.26 8.45
C VAL A 280 -6.05 -32.94 7.84
N THR A 281 -6.74 -33.76 8.62
CA THR A 281 -7.99 -34.36 8.17
C THR A 281 -9.11 -33.87 9.08
N LEU A 282 -10.12 -33.25 8.47
CA LEU A 282 -11.35 -32.88 9.18
C LEU A 282 -12.15 -34.11 9.61
N GLU A 283 -12.46 -34.16 10.90
CA GLU A 283 -13.35 -35.18 11.42
C GLU A 283 -14.50 -34.47 12.11
N ASN A 284 -15.73 -34.72 11.66
CA ASN A 284 -16.89 -33.97 12.12
C ASN A 284 -16.66 -32.45 12.03
N ASN A 285 -16.14 -31.99 10.89
CA ASN A 285 -15.89 -30.58 10.58
C ASN A 285 -14.77 -29.85 11.32
N THR A 286 -14.04 -30.57 12.17
CA THR A 286 -12.96 -29.95 12.95
C THR A 286 -11.61 -30.64 12.76
N ALA A 287 -10.53 -29.88 13.00
CA ALA A 287 -9.17 -30.45 13.01
C ALA A 287 -8.30 -29.59 13.89
N LEU A 288 -7.43 -30.24 14.67
CA LEU A 288 -6.41 -29.54 15.44
C LEU A 288 -5.32 -28.98 14.55
N LEU A 289 -5.00 -27.69 14.74
CA LEU A 289 -3.93 -27.02 14.00
C LEU A 289 -2.81 -26.66 14.99
N LYS A 290 -1.86 -27.56 15.15
CA LYS A 290 -0.81 -27.38 16.14
C LYS A 290 0.08 -26.22 15.72
N GLY A 291 0.34 -25.33 16.65
CA GLY A 291 1.25 -24.23 16.40
C GLY A 291 0.61 -23.03 15.77
N VAL A 292 -0.64 -23.17 15.32
CA VAL A 292 -1.29 -22.10 14.54
C VAL A 292 -2.05 -21.17 15.45
N VAL A 293 -1.65 -19.90 15.51
CA VAL A 293 -2.34 -18.87 16.30
C VAL A 293 -2.56 -17.56 15.54
N SER A 294 -1.84 -17.35 14.42
CA SER A 294 -1.93 -16.09 13.69
C SER A 294 -2.72 -16.16 12.40
N ARG A 295 -3.82 -15.41 12.31
CA ARG A 295 -4.58 -15.35 11.05
C ARG A 295 -3.78 -14.72 9.89
N LYS A 296 -3.21 -13.54 10.13
CA LYS A 296 -2.50 -12.85 9.05
C LYS A 296 -1.29 -13.62 8.53
N LYS A 297 -0.60 -14.38 9.40
CA LYS A 297 0.68 -15.01 9.03
C LYS A 297 0.53 -16.51 8.74
N GLN A 298 -0.33 -17.20 9.49
CA GLN A 298 -0.36 -18.67 9.43
C GLN A 298 -1.66 -19.24 8.82
N VAL A 299 -2.66 -18.39 8.58
CA VAL A 299 -3.93 -18.88 8.02
C VAL A 299 -4.19 -18.30 6.64
N VAL A 300 -4.25 -16.97 6.55
CA VAL A 300 -4.57 -16.35 5.26
C VAL A 300 -3.63 -16.77 4.10
N PRO A 301 -2.28 -16.74 4.32
CA PRO A 301 -1.43 -17.15 3.19
C PRO A 301 -1.59 -18.60 2.70
N VAL A 302 -1.55 -19.57 3.62
CA VAL A 302 -1.71 -20.97 3.18
C VAL A 302 -3.10 -21.28 2.63
N LEU A 303 -4.14 -20.64 3.19
CA LEU A 303 -5.50 -20.86 2.66
C LEU A 303 -5.60 -20.32 1.24
N THR A 304 -5.01 -19.15 1.02
CA THR A 304 -4.94 -18.59 -0.33
C THR A 304 -4.30 -19.55 -1.34
N ASP A 305 -3.13 -20.09 -1.01
CA ASP A 305 -2.47 -21.12 -1.82
C ASP A 305 -3.35 -22.33 -2.11
N ALA A 306 -4.03 -22.82 -1.08
CA ALA A 306 -4.81 -24.04 -1.16
C ALA A 306 -6.04 -23.86 -2.03
N MET A 307 -6.62 -22.66 -1.99
CA MET A 307 -7.88 -22.40 -2.69
C MET A 307 -7.64 -22.02 -4.13
N ALA A 308 -6.41 -21.66 -4.45
CA ALA A 308 -6.02 -21.36 -5.82
C ALA A 308 -5.90 -22.65 -6.64
N MET B 1 22.64 -15.85 1.14
CA MET B 1 21.74 -14.67 1.37
C MET B 1 20.88 -14.63 0.12
N GLU B 2 19.58 -14.88 0.29
CA GLU B 2 18.67 -14.97 -0.86
C GLU B 2 18.67 -13.69 -1.72
N LYS B 3 18.79 -13.90 -3.04
CA LYS B 3 18.88 -12.76 -3.96
C LYS B 3 17.51 -12.21 -4.29
N ILE B 4 17.40 -10.89 -4.36
CA ILE B 4 16.11 -10.26 -4.83
C ILE B 4 16.42 -9.32 -5.98
N LEU B 5 15.41 -9.05 -6.82
CA LEU B 5 15.54 -8.04 -7.89
C LEU B 5 14.72 -6.83 -7.45
N ILE B 6 15.21 -5.65 -7.79
CA ILE B 6 14.50 -4.39 -7.48
C ILE B 6 14.28 -3.65 -8.81
N PHE B 7 13.03 -3.22 -9.09
CA PHE B 7 12.83 -2.53 -10.39
C PHE B 7 11.61 -1.63 -10.29
N GLY B 8 11.57 -0.67 -11.19
CA GLY B 8 10.40 0.23 -11.33
C GLY B 8 9.51 -0.19 -12.49
N HIS B 9 8.76 0.80 -13.00
CA HIS B 9 7.72 0.46 -13.99
C HIS B 9 8.22 0.17 -15.40
N GLN B 10 7.38 -0.51 -16.18
CA GLN B 10 7.60 -0.55 -17.65
C GLN B 10 7.75 0.86 -18.21
N ASN B 11 8.45 0.99 -19.33
CA ASN B 11 8.77 2.29 -19.93
C ASN B 11 9.47 3.17 -18.91
N PRO B 12 10.68 2.73 -18.48
CA PRO B 12 11.31 3.36 -17.31
C PRO B 12 11.69 4.82 -17.48
N ASP B 13 11.48 5.59 -16.42
CA ASP B 13 11.98 6.94 -16.35
C ASP B 13 13.15 7.06 -15.35
N THR B 14 13.66 8.26 -15.18
CA THR B 14 14.87 8.45 -14.38
C THR B 14 14.66 8.00 -12.94
N ASP B 15 13.51 8.31 -12.35
CA ASP B 15 13.23 7.84 -10.96
C ASP B 15 13.16 6.32 -10.89
N THR B 16 12.53 5.67 -11.87
CA THR B 16 12.42 4.21 -11.86
C THR B 16 13.79 3.55 -12.00
N ILE B 17 14.69 4.16 -12.79
CA ILE B 17 16.03 3.54 -12.94
C ILE B 17 16.90 3.86 -11.70
N CYS B 18 16.97 5.13 -11.33
CA CYS B 18 17.87 5.61 -10.27
C CYS B 18 17.42 5.15 -8.90
N SER B 19 16.11 5.09 -8.64
CA SER B 19 15.61 4.58 -7.36
C SER B 19 15.85 3.06 -7.22
N ALA B 20 15.78 2.33 -8.33
CA ALA B 20 16.13 0.92 -8.24
C ALA B 20 17.62 0.75 -7.89
N ILE B 21 18.48 1.52 -8.55
CA ILE B 21 19.92 1.42 -8.30
C ILE B 21 20.19 1.81 -6.85
N ALA B 22 19.56 2.91 -6.43
CA ALA B 22 19.87 3.42 -5.07
C ALA B 22 19.35 2.43 -4.00
N TYR B 23 18.15 1.87 -4.16
CA TYR B 23 17.66 1.02 -3.08
C TYR B 23 18.48 -0.29 -3.10
N ALA B 24 18.90 -0.78 -4.27
CA ALA B 24 19.75 -2.00 -4.26
C ALA B 24 21.07 -1.67 -3.54
N ASP B 25 21.59 -0.46 -3.77
CA ASP B 25 22.84 -0.05 -3.02
C ASP B 25 22.60 -0.06 -1.52
N LEU B 26 21.46 0.49 -1.06
CA LEU B 26 21.20 0.55 0.40
C LEU B 26 21.08 -0.88 0.96
N LYS B 27 20.38 -1.75 0.23
CA LYS B 27 20.29 -3.17 0.69
C LYS B 27 21.65 -3.87 0.77
N ASN B 28 22.50 -3.70 -0.24
CA ASN B 28 23.73 -4.39 -0.33
C ASN B 28 24.72 -3.82 0.69
N LYS B 29 24.62 -2.52 0.92
CA LYS B 29 25.47 -1.90 1.95
C LYS B 29 25.12 -2.39 3.35
N LEU B 30 23.87 -2.81 3.55
CA LEU B 30 23.44 -3.42 4.82
C LEU B 30 23.67 -4.92 4.92
N GLY B 31 24.25 -5.53 3.88
CA GLY B 31 24.64 -6.95 3.95
C GLY B 31 23.67 -7.88 3.24
N PHE B 32 22.67 -7.32 2.54
CA PHE B 32 21.75 -8.18 1.79
C PHE B 32 22.24 -8.40 0.35
N ASN B 33 21.32 -8.87 -0.51
CA ASN B 33 21.73 -9.35 -1.84
C ASN B 33 20.68 -8.95 -2.85
N ALA B 34 20.83 -7.77 -3.43
CA ALA B 34 19.82 -7.20 -4.33
C ALA B 34 20.48 -6.79 -5.65
N GLU B 35 19.76 -6.94 -6.76
CA GLU B 35 20.31 -6.40 -8.05
C GLU B 35 19.24 -5.50 -8.63
N PRO B 36 19.59 -4.28 -9.01
CA PRO B 36 18.61 -3.39 -9.66
C PRO B 36 18.51 -3.85 -11.13
N VAL B 37 17.29 -3.90 -11.66
CA VAL B 37 17.09 -4.23 -13.07
C VAL B 37 16.09 -3.26 -13.67
N ARG B 38 15.93 -3.34 -14.98
CA ARG B 38 14.99 -2.45 -15.67
C ARG B 38 14.11 -3.26 -16.63
N LEU B 39 12.95 -2.70 -16.98
CA LEU B 39 11.94 -3.41 -17.77
C LEU B 39 11.84 -2.89 -19.20
N GLY B 40 12.62 -1.87 -19.54
CA GLY B 40 12.62 -1.31 -20.89
C GLY B 40 13.87 -0.50 -21.17
N GLN B 41 13.88 0.17 -22.32
N GLN B 41 13.92 0.13 -22.34
CA GLN B 41 15.03 0.94 -22.77
CA GLN B 41 15.13 0.86 -22.71
C GLN B 41 15.24 2.20 -21.93
C GLN B 41 15.26 2.14 -21.87
N VAL B 42 16.49 2.56 -21.66
CA VAL B 42 16.78 3.77 -20.92
C VAL B 42 16.59 4.96 -21.86
N ASN B 43 15.84 5.96 -21.39
CA ASN B 43 15.59 7.15 -22.23
C ASN B 43 16.78 8.12 -22.20
N GLY B 44 16.73 9.19 -23.00
CA GLY B 44 17.90 10.06 -23.11
C GLY B 44 18.20 10.94 -21.89
N GLU B 45 17.17 11.21 -21.11
CA GLU B 45 17.35 11.96 -19.87
C GLU B 45 18.11 11.10 -18.85
N THR B 46 17.64 9.86 -18.69
CA THR B 46 18.31 8.95 -17.77
C THR B 46 19.72 8.63 -18.22
N GLN B 47 19.93 8.45 -19.52
CA GLN B 47 21.26 8.16 -20.01
C GLN B 47 22.26 9.30 -19.71
N TYR B 48 21.80 10.54 -19.80
CA TYR B 48 22.62 11.67 -19.43
C TYR B 48 23.07 11.55 -17.97
N ALA B 49 22.16 11.15 -17.09
CA ALA B 49 22.46 11.07 -15.66
C ALA B 49 23.45 9.93 -15.41
N LEU B 50 23.20 8.76 -15.99
CA LEU B 50 24.09 7.62 -15.82
C LEU B 50 25.49 7.93 -16.36
N ASP B 51 25.56 8.60 -17.51
CA ASP B 51 26.84 8.98 -18.12
C ASP B 51 27.60 10.00 -17.26
N TYR B 52 26.88 11.02 -16.82
CA TYR B 52 27.45 12.08 -15.96
C TYR B 52 28.07 11.49 -14.69
N PHE B 53 27.34 10.57 -14.04
CA PHE B 53 27.80 10.02 -12.80
C PHE B 53 28.54 8.69 -12.94
N LYS B 54 28.83 8.33 -14.19
CA LYS B 54 29.65 7.16 -14.52
C LYS B 54 29.09 5.87 -13.98
N GLN B 55 27.77 5.70 -14.09
CA GLN B 55 27.11 4.50 -13.55
C GLN B 55 26.55 3.66 -14.70
N GLU B 56 26.50 2.36 -14.48
CA GLU B 56 26.04 1.46 -15.51
C GLU B 56 24.53 1.40 -15.51
N SER B 57 23.97 1.14 -16.69
N SER B 57 23.98 1.11 -16.67
CA SER B 57 22.53 0.86 -16.80
CA SER B 57 22.55 0.92 -16.79
C SER B 57 22.27 -0.46 -16.11
C SER B 57 22.20 -0.47 -16.25
N PRO B 58 21.16 -0.56 -15.37
CA PRO B 58 20.75 -1.86 -14.81
C PRO B 58 20.46 -2.88 -15.91
N ARG B 59 20.65 -4.13 -15.57
CA ARG B 59 20.37 -5.18 -16.55
C ARG B 59 18.90 -5.19 -16.98
N LEU B 60 18.66 -5.38 -18.28
CA LEU B 60 17.28 -5.50 -18.78
C LEU B 60 16.75 -6.91 -18.55
N VAL B 61 15.55 -7.00 -17.96
CA VAL B 61 14.86 -8.28 -17.88
C VAL B 61 13.43 -8.22 -18.43
N GLU B 62 12.93 -9.39 -18.82
CA GLU B 62 11.52 -9.53 -19.24
C GLU B 62 10.67 -10.25 -18.19
N THR B 63 11.29 -11.12 -17.40
CA THR B 63 10.58 -11.85 -16.38
C THR B 63 11.45 -11.97 -15.12
N ALA B 64 10.82 -12.29 -13.98
CA ALA B 64 11.59 -12.44 -12.75
C ALA B 64 11.58 -13.84 -12.16
N ALA B 65 10.52 -14.61 -12.42
CA ALA B 65 10.35 -15.88 -11.70
C ALA B 65 11.41 -16.91 -12.04
N ASN B 66 12.01 -16.77 -13.21
CA ASN B 66 13.13 -17.67 -13.60
C ASN B 66 14.40 -17.39 -12.82
N GLU B 67 14.46 -16.23 -12.16
CA GLU B 67 15.68 -15.76 -11.46
C GLU B 67 15.56 -15.82 -9.95
N VAL B 68 14.40 -15.36 -9.45
CA VAL B 68 14.26 -15.17 -7.99
C VAL B 68 12.87 -15.56 -7.53
N ASN B 69 12.71 -15.64 -6.18
CA ASN B 69 11.36 -15.82 -5.63
C ASN B 69 10.73 -14.51 -5.17
N GLY B 70 11.55 -13.52 -4.83
CA GLY B 70 11.02 -12.25 -4.26
C GLY B 70 11.59 -11.02 -4.93
N VAL B 71 10.76 -9.97 -5.04
CA VAL B 71 11.18 -8.74 -5.69
C VAL B 71 10.74 -7.55 -4.85
N ILE B 72 11.36 -6.41 -5.10
CA ILE B 72 10.91 -5.13 -4.51
C ILE B 72 10.54 -4.17 -5.63
N LEU B 73 9.38 -3.52 -5.52
CA LEU B 73 8.99 -2.53 -6.53
C LEU B 73 9.33 -1.13 -6.06
N VAL B 74 9.86 -0.30 -6.95
CA VAL B 74 10.01 1.13 -6.66
C VAL B 74 9.18 1.90 -7.68
N ASP B 75 8.60 3.03 -7.27
CA ASP B 75 8.02 4.02 -8.22
C ASP B 75 6.79 3.47 -8.96
N HIS B 76 6.25 2.33 -8.52
CA HIS B 76 4.96 1.81 -9.01
C HIS B 76 4.44 0.73 -8.07
N ASN B 77 3.15 0.40 -8.24
CA ASN B 77 2.59 -0.77 -7.60
C ASN B 77 1.64 -1.54 -8.51
N GLU B 78 0.97 -0.86 -9.47
CA GLU B 78 -0.14 -1.57 -10.17
C GLU B 78 0.41 -2.69 -11.05
N ARG B 79 -0.25 -3.85 -11.04
CA ARG B 79 0.28 -5.04 -11.73
C ARG B 79 0.54 -4.84 -13.21
N GLN B 80 -0.35 -4.09 -13.88
CA GLN B 80 -0.18 -3.89 -15.32
C GLN B 80 0.95 -2.93 -15.73
N GLN B 81 1.55 -2.21 -14.77
CA GLN B 81 2.72 -1.38 -15.04
C GLN B 81 4.02 -2.12 -14.66
N SER B 82 3.89 -3.34 -14.17
CA SER B 82 5.05 -4.03 -13.55
C SER B 82 5.57 -5.10 -14.51
N ILE B 83 6.40 -5.99 -13.99
CA ILE B 83 6.97 -7.05 -14.84
C ILE B 83 5.91 -8.04 -15.26
N LYS B 84 6.08 -8.61 -16.44
CA LYS B 84 5.02 -9.42 -17.05
C LYS B 84 4.55 -10.61 -16.19
N ASP B 85 5.50 -11.23 -15.46
CA ASP B 85 5.16 -12.37 -14.58
C ASP B 85 5.13 -12.00 -13.13
N ILE B 86 4.70 -10.77 -12.82
CA ILE B 86 4.61 -10.32 -11.43
C ILE B 86 3.79 -11.29 -10.52
N GLU B 87 2.77 -11.97 -11.09
N GLU B 87 2.77 -11.97 -11.07
CA GLU B 87 1.94 -12.90 -10.31
CA GLU B 87 1.95 -12.86 -10.26
C GLU B 87 2.72 -14.08 -9.76
C GLU B 87 2.65 -14.20 -9.97
N GLU B 88 3.84 -14.38 -10.39
N GLU B 88 3.88 -14.34 -10.47
CA GLU B 88 4.59 -15.60 -10.12
CA GLU B 88 4.66 -15.56 -10.22
C GLU B 88 5.69 -15.42 -9.08
C GLU B 88 5.81 -15.37 -9.25
N VAL B 89 5.90 -14.18 -8.65
CA VAL B 89 6.90 -13.89 -7.61
C VAL B 89 6.24 -13.19 -6.43
N GLN B 90 6.92 -13.17 -5.30
CA GLN B 90 6.37 -12.50 -4.08
C GLN B 90 6.87 -11.05 -4.04
N VAL B 91 5.96 -10.09 -3.91
CA VAL B 91 6.42 -8.71 -3.70
C VAL B 91 6.71 -8.52 -2.22
N LEU B 92 7.98 -8.33 -1.88
CA LEU B 92 8.43 -8.20 -0.47
C LEU B 92 8.26 -6.81 0.03
N GLU B 93 8.46 -5.81 -0.84
CA GLU B 93 8.35 -4.39 -0.43
C GLU B 93 7.96 -3.56 -1.62
N VAL B 94 7.31 -2.42 -1.31
CA VAL B 94 7.06 -1.38 -2.33
C VAL B 94 7.48 -0.04 -1.77
N ILE B 95 8.25 0.74 -2.54
CA ILE B 95 8.54 2.13 -2.09
C ILE B 95 8.03 3.04 -3.23
N ASP B 96 7.08 3.93 -2.96
CA ASP B 96 6.35 4.51 -4.09
C ASP B 96 5.72 5.86 -3.69
N HIS B 97 5.21 6.57 -4.68
CA HIS B 97 4.54 7.85 -4.45
C HIS B 97 3.31 8.05 -5.36
N HIS B 98 2.68 6.93 -5.74
CA HIS B 98 1.52 6.97 -6.61
C HIS B 98 0.27 6.53 -5.92
N ARG B 99 -0.86 6.69 -6.61
CA ARG B 99 -2.09 6.08 -6.10
C ARG B 99 -1.94 4.56 -6.08
N ILE B 100 -2.72 3.89 -5.24
CA ILE B 100 -2.63 2.42 -5.16
C ILE B 100 -3.84 1.81 -5.90
N ALA B 101 -3.59 0.81 -6.74
CA ALA B 101 -4.68 0.10 -7.44
C ALA B 101 -4.13 -1.17 -8.02
N ASN B 102 -5.01 -2.13 -8.29
CA ASN B 102 -4.57 -3.37 -8.96
C ASN B 102 -3.33 -3.99 -8.30
N PHE B 103 -3.34 -4.04 -6.96
CA PHE B 103 -2.17 -4.52 -6.24
C PHE B 103 -2.69 -5.29 -5.04
N GLU B 104 -2.25 -6.54 -4.92
N GLU B 104 -2.25 -6.54 -4.92
CA GLU B 104 -2.66 -7.42 -3.86
CA GLU B 104 -2.67 -7.40 -3.84
C GLU B 104 -1.47 -8.25 -3.40
C GLU B 104 -1.58 -8.38 -3.42
N THR B 105 -1.43 -8.59 -2.11
CA THR B 105 -0.44 -9.56 -1.60
C THR B 105 -1.10 -10.64 -0.78
N ALA B 106 -0.46 -11.81 -0.65
CA ALA B 106 -1.06 -12.87 0.17
C ALA B 106 -0.67 -12.72 1.63
N GLU B 107 0.49 -12.06 1.84
N GLU B 107 0.38 -11.96 1.90
CA GLU B 107 1.17 -11.91 3.15
CA GLU B 107 0.96 -11.91 3.23
C GLU B 107 1.38 -10.42 3.51
C GLU B 107 1.34 -10.43 3.53
N PRO B 108 1.55 -10.10 4.81
CA PRO B 108 2.03 -8.75 5.19
C PRO B 108 3.34 -8.40 4.52
N LEU B 109 3.54 -7.12 4.20
CA LEU B 109 4.79 -6.67 3.53
C LEU B 109 5.16 -5.27 4.04
N TYR B 110 6.34 -4.81 3.63
CA TYR B 110 6.74 -3.41 3.92
C TYR B 110 6.29 -2.59 2.72
N TYR B 111 5.25 -1.79 2.90
CA TYR B 111 4.73 -0.92 1.85
C TYR B 111 4.89 0.51 2.35
N ARG B 112 5.67 1.30 1.63
CA ARG B 112 5.95 2.66 2.08
C ARG B 112 5.71 3.63 0.90
N ALA B 113 4.56 4.30 0.93
CA ALA B 113 4.25 5.33 -0.06
C ALA B 113 4.09 6.64 0.67
N GLU B 114 4.64 7.70 0.10
CA GLU B 114 4.44 9.02 0.66
C GLU B 114 4.03 9.90 -0.53
N PRO B 115 3.10 10.83 -0.31
CA PRO B 115 2.66 11.68 -1.43
C PRO B 115 3.63 12.84 -1.72
N VAL B 116 4.86 12.46 -2.01
CA VAL B 116 5.94 13.39 -2.30
C VAL B 116 6.22 13.41 -3.82
N GLY B 117 7.12 14.27 -4.22
CA GLY B 117 7.33 14.45 -5.65
C GLY B 117 8.20 13.40 -6.32
N CYS B 118 8.93 12.58 -5.56
CA CYS B 118 9.87 11.61 -6.17
C CYS B 118 10.13 10.43 -5.22
N THR B 119 10.22 9.22 -5.77
CA THR B 119 10.50 8.06 -4.92
C THR B 119 11.89 8.26 -4.25
N ALA B 120 12.82 8.84 -4.97
CA ALA B 120 14.14 9.03 -4.35
C ALA B 120 14.16 9.88 -3.08
N THR B 121 13.21 10.79 -2.92
CA THR B 121 13.11 11.57 -1.68
C THR B 121 12.85 10.64 -0.47
N ILE B 122 12.03 9.60 -0.70
CA ILE B 122 11.79 8.61 0.31
C ILE B 122 13.04 7.79 0.56
N LEU B 123 13.72 7.38 -0.52
CA LEU B 123 14.96 6.60 -0.30
C LEU B 123 16.02 7.42 0.47
N ASN B 124 16.07 8.72 0.24
CA ASN B 124 16.99 9.57 1.02
C ASN B 124 16.76 9.43 2.52
N LYS B 125 15.48 9.43 2.93
CA LYS B 125 15.14 9.24 4.35
C LYS B 125 15.61 7.90 4.82
N MET B 126 15.43 6.87 3.99
CA MET B 126 15.78 5.50 4.39
C MET B 126 17.30 5.30 4.54
N TYR B 127 18.10 5.97 3.70
CA TYR B 127 19.57 5.90 3.93
C TYR B 127 19.92 6.45 5.36
N LYS B 128 19.29 7.56 5.72
CA LYS B 128 19.61 8.20 7.03
C LYS B 128 19.07 7.34 8.17
N GLU B 129 17.89 6.74 7.96
CA GLU B 129 17.29 5.86 9.02
C GLU B 129 18.19 4.68 9.32
N ASN B 130 18.92 4.19 8.30
CA ASN B 130 19.75 3.01 8.42
C ASN B 130 21.23 3.30 8.60
N ASN B 131 21.58 4.58 8.77
CA ASN B 131 23.01 4.97 9.00
C ASN B 131 23.99 4.45 7.95
N VAL B 132 23.56 4.58 6.73
CA VAL B 132 24.37 4.29 5.52
C VAL B 132 24.75 5.54 4.74
N LYS B 133 26.05 5.77 4.64
N LYS B 133 26.07 5.73 4.61
CA LYS B 133 26.52 6.91 3.81
CA LYS B 133 26.63 6.81 3.75
C LYS B 133 26.04 6.78 2.36
C LYS B 133 26.16 6.78 2.29
N ILE B 134 25.66 7.92 1.78
CA ILE B 134 25.30 8.01 0.36
C ILE B 134 26.55 8.41 -0.41
N GLU B 135 27.02 7.51 -1.26
CA GLU B 135 28.18 7.82 -2.12
C GLU B 135 27.86 8.94 -3.11
N LYS B 136 28.91 9.70 -3.48
CA LYS B 136 28.76 10.80 -4.41
C LYS B 136 27.95 10.45 -5.66
N GLU B 137 28.25 9.32 -6.32
CA GLU B 137 27.60 8.96 -7.60
C GLU B 137 26.14 8.56 -7.40
N ILE B 138 25.90 7.89 -6.26
CA ILE B 138 24.52 7.50 -5.88
C ILE B 138 23.68 8.74 -5.62
N ALA B 139 24.25 9.69 -4.87
CA ALA B 139 23.53 10.96 -4.61
C ALA B 139 23.24 11.67 -5.93
N GLY B 140 24.18 11.62 -6.86
CA GLY B 140 23.95 12.23 -8.17
C GLY B 140 22.76 11.62 -8.91
N LEU B 141 22.62 10.30 -8.85
CA LEU B 141 21.47 9.63 -9.46
C LEU B 141 20.17 9.97 -8.72
N MET B 142 20.21 10.02 -7.39
CA MET B 142 19.02 10.38 -6.61
C MET B 142 18.57 11.82 -6.89
N LEU B 143 19.54 12.73 -7.03
CA LEU B 143 19.25 14.13 -7.39
C LEU B 143 18.60 14.16 -8.77
N SER B 144 19.15 13.36 -9.69
CA SER B 144 18.64 13.27 -11.06
C SER B 144 17.16 12.87 -11.09
N ALA B 145 16.81 11.86 -10.29
CA ALA B 145 15.42 11.44 -10.18
C ALA B 145 14.55 12.56 -9.64
N ILE B 146 15.00 13.25 -8.58
CA ILE B 146 14.17 14.37 -8.05
C ILE B 146 13.96 15.49 -9.09
N ILE B 147 15.04 15.87 -9.79
CA ILE B 147 14.94 16.89 -10.86
C ILE B 147 13.99 16.46 -11.98
N SER B 148 14.06 15.17 -12.36
CA SER B 148 13.22 14.63 -13.41
C SER B 148 11.74 14.63 -13.04
N ASP B 149 11.43 14.13 -11.84
CA ASP B 149 10.04 14.01 -11.43
C ASP B 149 9.43 15.39 -11.12
N SER B 150 10.26 16.30 -10.65
CA SER B 150 9.77 17.64 -10.27
C SER B 150 9.82 18.67 -11.40
N LEU B 151 10.36 18.27 -12.56
CA LEU B 151 10.65 19.21 -13.68
C LEU B 151 11.42 20.41 -13.17
N LEU B 152 12.55 20.16 -12.51
CA LEU B 152 13.37 21.22 -11.87
C LEU B 152 12.56 22.07 -10.90
N PHE B 153 11.80 21.38 -10.03
CA PHE B 153 11.04 21.98 -8.92
C PHE B 153 9.84 22.83 -9.38
N LYS B 154 9.32 22.56 -10.57
CA LYS B 154 8.16 23.30 -11.11
C LYS B 154 6.84 22.55 -11.00
N SER B 155 6.91 21.23 -10.89
CA SER B 155 5.72 20.38 -10.87
C SER B 155 4.92 20.61 -9.61
N PRO B 156 3.58 20.59 -9.71
CA PRO B 156 2.74 20.67 -8.50
C PRO B 156 2.88 19.52 -7.50
N THR B 157 3.53 18.43 -7.90
CA THR B 157 3.80 17.33 -6.98
C THR B 157 5.03 17.62 -6.10
N CYS B 158 5.81 18.65 -6.45
CA CYS B 158 7.03 18.94 -5.70
C CYS B 158 6.67 19.50 -4.33
N THR B 159 7.27 18.92 -3.29
CA THR B 159 7.03 19.35 -1.90
C THR B 159 8.29 19.91 -1.28
N ASP B 160 8.13 20.55 -0.11
CA ASP B 160 9.28 21.02 0.66
C ASP B 160 10.30 19.87 0.94
N GLN B 161 9.80 18.66 1.18
CA GLN B 161 10.69 17.51 1.37
C GLN B 161 11.54 17.21 0.14
N ASP B 162 10.95 17.32 -1.05
CA ASP B 162 11.73 17.03 -2.26
C ASP B 162 12.82 18.10 -2.46
N VAL B 163 12.47 19.34 -2.19
CA VAL B 163 13.43 20.45 -2.28
C VAL B 163 14.59 20.24 -1.30
N ALA B 164 14.24 19.86 -0.06
CA ALA B 164 15.27 19.66 0.97
C ALA B 164 16.17 18.48 0.62
N ALA B 165 15.57 17.39 0.12
CA ALA B 165 16.35 16.23 -0.28
C ALA B 165 17.29 16.64 -1.42
N ALA B 166 16.78 17.41 -2.41
CA ALA B 166 17.63 17.79 -3.54
C ALA B 166 18.84 18.66 -3.12
N LYS B 167 18.63 19.55 -2.15
N LYS B 167 18.65 19.55 -2.15
CA LYS B 167 19.68 20.38 -1.60
CA LYS B 167 19.75 20.38 -1.66
C LYS B 167 20.80 19.51 -1.00
C LYS B 167 20.83 19.51 -0.99
N GLU B 168 20.41 18.53 -0.21
CA GLU B 168 21.37 17.60 0.46
C GLU B 168 22.14 16.81 -0.59
N LEU B 169 21.39 16.26 -1.54
CA LEU B 169 21.99 15.35 -2.55
C LEU B 169 22.90 16.08 -3.54
N ALA B 170 22.56 17.31 -3.89
CA ALA B 170 23.41 18.11 -4.77
C ALA B 170 24.73 18.41 -4.08
N GLU B 171 24.68 18.69 -2.78
CA GLU B 171 25.91 18.93 -2.04
C GLU B 171 26.76 17.65 -2.00
N ILE B 172 26.13 16.50 -1.75
CA ILE B 172 26.88 15.23 -1.70
C ILE B 172 27.48 14.88 -3.07
N ALA B 173 26.70 15.13 -4.12
CA ALA B 173 27.12 14.84 -5.50
C ALA B 173 28.16 15.81 -6.08
N GLY B 174 28.32 16.98 -5.48
CA GLY B 174 29.25 17.99 -5.97
C GLY B 174 28.79 18.76 -7.19
N VAL B 175 27.49 18.90 -7.38
CA VAL B 175 26.97 19.62 -8.54
C VAL B 175 26.06 20.79 -8.16
N ASP B 176 25.97 21.77 -9.05
CA ASP B 176 24.92 22.76 -8.95
C ASP B 176 23.66 22.19 -9.56
N ALA B 177 22.60 22.08 -8.74
CA ALA B 177 21.37 21.42 -9.19
C ALA B 177 20.69 22.10 -10.38
N GLU B 178 20.72 23.42 -10.42
N GLU B 178 20.73 23.43 -10.41
CA GLU B 178 20.08 24.13 -11.52
CA GLU B 178 20.11 24.16 -11.49
C GLU B 178 20.81 23.98 -12.84
C GLU B 178 20.81 23.96 -12.82
N GLU B 179 22.14 24.06 -12.80
CA GLU B 179 22.95 23.94 -14.02
C GLU B 179 22.92 22.51 -14.57
N TYR B 180 23.18 21.57 -13.68
CA TYR B 180 23.14 20.14 -14.04
C TYR B 180 21.75 19.77 -14.53
N GLY B 181 20.74 20.20 -13.78
CA GLY B 181 19.37 19.79 -14.02
C GLY B 181 18.77 20.27 -15.33
N LEU B 182 19.15 21.49 -15.72
CA LEU B 182 18.73 22.02 -17.01
C LEU B 182 19.28 21.20 -18.16
N ASN B 183 20.56 20.88 -18.09
CA ASN B 183 21.21 20.03 -19.07
C ASN B 183 20.60 18.62 -19.16
N MET B 184 20.32 18.03 -18.00
CA MET B 184 19.65 16.72 -17.98
C MET B 184 18.23 16.75 -18.58
N LEU B 185 17.42 17.72 -18.19
CA LEU B 185 16.05 17.77 -18.70
C LEU B 185 16.05 18.01 -20.23
N LYS B 186 16.98 18.82 -20.71
CA LYS B 186 17.05 19.07 -22.15
C LYS B 186 17.43 17.84 -22.96
N ALA B 187 18.29 16.98 -22.41
CA ALA B 187 18.61 15.71 -23.04
C ALA B 187 17.37 14.80 -23.23
N GLY B 188 16.36 14.94 -22.37
CA GLY B 188 15.11 14.15 -22.46
C GLY B 188 14.02 14.70 -23.37
N ALA B 189 14.14 15.99 -23.70
CA ALA B 189 13.10 16.66 -24.45
C ALA B 189 13.49 16.76 -25.92
N ASP B 190 14.56 16.08 -26.31
CA ASP B 190 15.10 16.13 -27.66
C ASP B 190 14.39 15.08 -28.52
N LEU B 191 13.55 15.52 -29.48
CA LEU B 191 12.61 14.55 -30.07
C LEU B 191 12.04 14.64 -31.49
N SER B 192 12.36 15.69 -32.26
CA SER B 192 11.99 15.65 -33.69
C SER B 192 12.83 14.57 -34.41
N LYS B 193 13.65 13.89 -33.62
CA LYS B 193 14.54 12.82 -34.02
C LYS B 193 14.11 11.46 -33.43
N LYS B 194 12.88 11.36 -32.89
CA LYS B 194 12.31 10.09 -32.41
C LYS B 194 11.15 9.60 -33.28
N THR B 195 10.91 8.29 -33.34
CA THR B 195 9.74 7.78 -34.09
C THR B 195 8.45 8.03 -33.31
N VAL B 196 7.31 8.06 -34.02
CA VAL B 196 6.03 8.22 -33.30
C VAL B 196 5.74 7.06 -32.37
N GLU B 197 6.21 5.85 -32.73
CA GLU B 197 6.13 4.68 -31.87
C GLU B 197 6.86 4.91 -30.55
N GLU B 198 8.00 5.57 -30.61
CA GLU B 198 8.78 5.88 -29.40
C GLU B 198 8.08 6.96 -28.60
N LEU B 199 7.58 7.99 -29.30
CA LEU B 199 6.86 9.10 -28.67
C LEU B 199 5.68 8.62 -27.79
N ILE B 200 4.92 7.64 -28.28
CA ILE B 200 3.74 7.21 -27.55
C ILE B 200 4.04 6.12 -26.51
N SER B 201 5.31 5.68 -26.43
CA SER B 201 5.61 4.57 -25.55
C SER B 201 6.66 4.88 -24.49
N LEU B 202 7.51 5.86 -24.75
N LEU B 202 7.54 5.82 -24.76
CA LEU B 202 8.65 6.18 -23.86
CA LEU B 202 8.64 6.09 -23.82
C LEU B 202 8.27 6.68 -22.45
C LEU B 202 8.16 6.40 -22.39
N ASP B 203 7.03 7.10 -22.28
CA ASP B 203 6.52 7.43 -20.97
C ASP B 203 5.03 7.15 -20.92
N ALA B 204 4.68 5.94 -21.31
CA ALA B 204 3.31 5.46 -21.26
C ALA B 204 3.07 4.59 -20.02
N LYS B 205 1.90 4.78 -19.42
CA LYS B 205 1.44 3.90 -18.33
C LYS B 205 0.02 3.45 -18.59
N GLU B 206 -0.26 2.17 -18.31
CA GLU B 206 -1.63 1.66 -18.35
C GLU B 206 -2.33 1.74 -16.98
N PHE B 207 -3.66 1.93 -17.01
CA PHE B 207 -4.51 2.03 -15.81
C PHE B 207 -5.84 1.36 -16.07
N THR B 208 -6.56 0.96 -15.02
N THR B 208 -6.59 1.05 -15.00
CA THR B 208 -8.01 0.72 -15.16
CA THR B 208 -8.03 0.70 -15.11
C THR B 208 -8.74 1.80 -14.38
C THR B 208 -8.92 1.64 -14.32
N LEU B 209 -9.71 2.47 -15.02
CA LEU B 209 -10.45 3.50 -14.35
C LEU B 209 -11.90 3.07 -14.27
N GLY B 210 -12.30 2.57 -13.10
CA GLY B 210 -13.56 1.83 -12.96
C GLY B 210 -13.50 0.54 -13.78
N SER B 211 -14.44 0.38 -14.71
CA SER B 211 -14.45 -0.81 -15.55
C SER B 211 -13.54 -0.63 -16.77
N LYS B 212 -13.22 0.64 -17.09
CA LYS B 212 -12.56 1.02 -18.34
C LYS B 212 -11.04 0.85 -18.40
N LYS B 213 -10.55 0.34 -19.51
CA LYS B 213 -9.14 0.12 -19.71
C LYS B 213 -8.44 1.32 -20.43
N VAL B 214 -7.37 1.88 -19.86
CA VAL B 214 -6.88 3.20 -20.31
C VAL B 214 -5.34 3.21 -20.46
N GLU B 215 -4.80 3.97 -21.41
CA GLU B 215 -3.36 4.17 -21.40
C GLU B 215 -3.10 5.66 -21.50
N ILE B 216 -2.21 6.17 -20.64
CA ILE B 216 -1.89 7.61 -20.65
C ILE B 216 -0.40 7.76 -20.91
N ALA B 217 -0.04 8.44 -21.98
CA ALA B 217 1.38 8.61 -22.33
C ALA B 217 1.73 10.07 -22.27
N GLN B 218 2.96 10.37 -21.91
CA GLN B 218 3.33 11.78 -21.80
C GLN B 218 4.62 11.97 -22.57
N VAL B 219 4.76 13.15 -23.16
N VAL B 219 4.76 13.12 -23.23
CA VAL B 219 5.95 13.57 -23.88
CA VAL B 219 6.03 13.52 -23.80
C VAL B 219 6.44 14.90 -23.31
C VAL B 219 6.45 14.88 -23.31
N ASN B 220 7.70 14.94 -22.85
CA ASN B 220 8.31 16.21 -22.48
C ASN B 220 8.83 16.83 -23.74
N THR B 221 8.43 18.07 -23.99
CA THR B 221 8.91 18.76 -25.14
C THR B 221 9.25 20.19 -24.73
N VAL B 222 10.12 20.82 -25.50
CA VAL B 222 10.29 22.28 -25.36
C VAL B 222 9.47 23.07 -26.39
N ASP B 223 8.67 22.35 -27.20
CA ASP B 223 7.86 22.97 -28.26
C ASP B 223 6.73 22.05 -28.75
N ILE B 224 5.49 22.39 -28.40
CA ILE B 224 4.30 21.56 -28.68
C ILE B 224 4.04 21.30 -30.18
N GLU B 225 4.33 22.31 -31.00
N GLU B 225 4.26 22.24 -31.04
CA GLU B 225 4.08 22.26 -32.46
CA GLU B 225 3.94 22.01 -32.46
C GLU B 225 4.92 21.26 -33.25
C GLU B 225 4.84 21.02 -33.18
N ASP B 226 6.13 20.96 -32.78
N ASP B 226 6.09 20.94 -32.79
CA ASP B 226 6.93 19.92 -33.41
CA ASP B 226 6.97 19.92 -33.38
C ASP B 226 6.58 18.49 -32.96
C ASP B 226 6.50 18.47 -33.08
N VAL B 227 5.49 18.38 -32.21
CA VAL B 227 4.85 17.11 -31.95
C VAL B 227 3.50 17.15 -32.67
N LYS B 228 2.81 18.28 -32.57
CA LYS B 228 1.43 18.41 -33.05
C LYS B 228 1.30 18.34 -34.57
N LYS B 229 2.40 18.63 -35.26
CA LYS B 229 2.41 18.61 -36.72
C LYS B 229 2.48 17.17 -37.19
N ARG B 230 2.67 16.26 -36.25
CA ARG B 230 2.73 14.84 -36.56
C ARG B 230 1.48 14.11 -36.12
N GLN B 231 0.39 14.84 -35.94
CA GLN B 231 -0.86 14.25 -35.44
C GLN B 231 -1.39 13.04 -36.25
N ALA B 232 -1.31 13.07 -37.57
CA ALA B 232 -1.83 11.95 -38.38
C ALA B 232 -1.04 10.68 -38.10
N GLU B 233 0.27 10.84 -37.98
CA GLU B 233 1.15 9.71 -37.68
C GLU B 233 0.93 9.24 -36.26
N LEU B 234 0.71 10.19 -35.35
CA LEU B 234 0.45 9.82 -33.95
C LEU B 234 -0.88 9.06 -33.85
N GLU B 235 -1.91 9.55 -34.53
CA GLU B 235 -3.20 8.87 -34.52
C GLU B 235 -3.10 7.44 -35.06
N ALA B 236 -2.30 7.23 -36.11
CA ALA B 236 -2.15 5.89 -36.66
C ALA B 236 -1.54 4.94 -35.60
N VAL B 237 -0.45 5.32 -34.93
CA VAL B 237 0.11 4.38 -33.98
C VAL B 237 -0.73 4.22 -32.72
N ILE B 238 -1.37 5.30 -32.29
CA ILE B 238 -2.22 5.23 -31.09
C ILE B 238 -3.47 4.34 -31.36
N SER B 239 -4.11 4.55 -32.51
N SER B 239 -4.10 4.52 -32.53
CA SER B 239 -5.30 3.74 -32.86
CA SER B 239 -5.29 3.71 -32.90
C SER B 239 -4.92 2.24 -32.91
C SER B 239 -4.96 2.21 -33.00
N LYS B 240 -3.74 1.92 -33.42
CA LYS B 240 -3.25 0.52 -33.45
C LYS B 240 -3.18 -0.07 -32.02
N VAL B 241 -2.65 0.70 -31.08
CA VAL B 241 -2.51 0.26 -29.66
C VAL B 241 -3.90 0.12 -29.05
N VAL B 242 -4.79 1.06 -29.36
CA VAL B 242 -6.17 1.00 -28.84
C VAL B 242 -6.87 -0.32 -29.27
N ALA B 243 -6.66 -0.71 -30.52
CA ALA B 243 -7.27 -1.94 -31.04
C ALA B 243 -6.59 -3.17 -30.42
N GLU B 244 -5.27 -3.17 -30.39
CA GLU B 244 -4.51 -4.35 -29.93
C GLU B 244 -4.72 -4.65 -28.44
N LYS B 245 -4.80 -3.60 -27.63
CA LYS B 245 -4.90 -3.75 -26.18
C LYS B 245 -6.33 -3.66 -25.72
N ASN B 246 -7.30 -3.54 -26.64
CA ASN B 246 -8.69 -3.31 -26.26
C ASN B 246 -8.91 -2.13 -25.29
N LEU B 247 -8.27 -1.00 -25.58
CA LEU B 247 -8.46 0.20 -24.76
C LEU B 247 -9.75 0.94 -24.99
N ASP B 248 -10.29 1.49 -23.91
CA ASP B 248 -11.40 2.39 -23.96
C ASP B 248 -10.92 3.81 -24.24
N LEU B 249 -9.64 4.07 -23.91
CA LEU B 249 -9.10 5.41 -24.09
C LEU B 249 -7.58 5.37 -24.14
N PHE B 250 -6.98 6.09 -25.11
CA PHE B 250 -5.55 6.37 -25.08
C PHE B 250 -5.46 7.92 -25.05
N LEU B 251 -4.79 8.45 -24.03
CA LEU B 251 -4.61 9.88 -23.89
C LEU B 251 -3.12 10.18 -23.97
N LEU B 252 -2.73 10.94 -25.00
CA LEU B 252 -1.36 11.46 -25.09
C LEU B 252 -1.37 12.89 -24.54
N VAL B 253 -0.45 13.16 -23.63
CA VAL B 253 -0.30 14.45 -23.00
C VAL B 253 1.05 15.01 -23.44
N ILE B 254 1.03 16.06 -24.25
CA ILE B 254 2.24 16.62 -24.79
C ILE B 254 2.53 17.85 -23.94
N THR B 255 3.50 17.72 -23.03
CA THR B 255 3.77 18.79 -22.06
C THR B 255 4.94 19.69 -22.46
N ASP B 256 4.65 20.98 -22.52
CA ASP B 256 5.67 22.01 -22.66
C ASP B 256 6.29 22.22 -21.27
N ILE B 257 7.48 21.65 -21.06
CA ILE B 257 8.10 21.62 -19.74
C ILE B 257 8.67 22.97 -19.31
N LEU B 258 8.76 23.89 -20.26
CA LEU B 258 9.25 25.24 -20.03
C LEU B 258 8.10 26.26 -20.01
N GLU B 259 6.85 25.79 -20.07
CA GLU B 259 5.70 26.69 -19.94
C GLU B 259 4.69 26.09 -18.98
N ASN B 260 4.99 24.87 -18.55
CA ASN B 260 4.08 24.06 -17.73
C ASN B 260 2.61 23.97 -18.22
N ASP B 261 2.40 23.73 -19.52
CA ASP B 261 1.04 23.54 -20.11
C ASP B 261 1.08 22.28 -20.96
N SER B 262 -0.10 21.72 -21.26
CA SER B 262 -0.16 20.44 -22.02
C SER B 262 -1.20 20.40 -23.15
N LEU B 263 -0.87 19.72 -24.23
CA LEU B 263 -1.90 19.50 -25.27
C LEU B 263 -2.33 18.03 -25.18
N ALA B 264 -3.63 17.78 -25.06
CA ALA B 264 -4.15 16.40 -25.02
C ALA B 264 -4.51 15.94 -26.43
N LEU B 265 -4.18 14.70 -26.76
CA LEU B 265 -4.69 14.04 -27.95
C LEU B 265 -5.38 12.77 -27.42
N ALA B 266 -6.69 12.65 -27.62
CA ALA B 266 -7.45 11.58 -27.00
C ALA B 266 -8.10 10.73 -28.10
N ILE B 267 -7.89 9.43 -28.02
CA ILE B 267 -8.40 8.52 -29.03
C ILE B 267 -9.11 7.35 -28.31
N GLY B 268 -10.30 6.99 -28.79
CA GLY B 268 -10.99 5.83 -28.21
C GLY B 268 -12.44 6.10 -27.88
N ASN B 269 -13.19 5.06 -27.51
CA ASN B 269 -14.63 5.26 -27.25
C ASN B 269 -14.94 6.24 -26.12
N GLU B 270 -14.01 6.39 -25.19
CA GLU B 270 -14.24 7.22 -24.02
C GLU B 270 -13.56 8.58 -24.08
N ALA B 271 -13.16 9.01 -25.27
CA ALA B 271 -12.51 10.30 -25.45
C ALA B 271 -13.32 11.47 -24.87
N ALA B 272 -14.66 11.41 -24.92
CA ALA B 272 -15.51 12.46 -24.34
C ALA B 272 -15.33 12.67 -22.83
N LYS B 273 -14.92 11.62 -22.12
CA LYS B 273 -14.63 11.74 -20.69
C LYS B 273 -13.45 12.66 -20.38
N VAL B 274 -12.61 12.93 -21.39
CA VAL B 274 -11.51 13.89 -21.25
C VAL B 274 -12.09 15.31 -21.17
N GLU B 275 -13.13 15.53 -21.95
CA GLU B 275 -13.84 16.78 -21.94
C GLU B 275 -14.47 17.04 -20.57
N LYS B 276 -15.06 16.02 -19.96
CA LYS B 276 -15.67 16.14 -18.64
C LYS B 276 -14.61 16.39 -17.58
N ALA B 277 -13.51 15.63 -17.68
CA ALA B 277 -12.43 15.67 -16.70
C ALA B 277 -11.74 17.04 -16.62
N PHE B 278 -11.56 17.70 -17.75
CA PHE B 278 -10.77 18.93 -17.76
C PHE B 278 -11.57 20.18 -18.06
N ASN B 279 -12.87 20.00 -18.25
N ASN B 279 -12.87 19.99 -18.27
CA ASN B 279 -13.79 21.08 -18.66
CA ASN B 279 -13.81 21.05 -18.67
C ASN B 279 -13.29 21.72 -19.94
C ASN B 279 -13.35 21.72 -19.96
N VAL B 280 -13.21 20.91 -20.99
CA VAL B 280 -12.48 21.29 -22.18
C VAL B 280 -13.25 20.79 -23.42
N THR B 281 -13.05 21.40 -24.60
CA THR B 281 -13.66 20.86 -25.83
C THR B 281 -12.61 20.28 -26.78
N LEU B 282 -12.73 18.98 -27.05
CA LEU B 282 -11.93 18.32 -28.08
C LEU B 282 -12.35 18.79 -29.47
N GLU B 283 -11.37 19.25 -30.23
CA GLU B 283 -11.62 19.64 -31.60
C GLU B 283 -10.56 18.90 -32.37
N ASN B 284 -10.99 18.11 -33.36
CA ASN B 284 -10.06 17.26 -34.11
C ASN B 284 -9.20 16.43 -33.16
N ASN B 285 -9.84 15.88 -32.13
CA ASN B 285 -9.25 15.01 -31.13
C ASN B 285 -8.29 15.66 -30.12
N THR B 286 -8.15 16.99 -30.14
CA THR B 286 -7.23 17.64 -29.20
C THR B 286 -7.85 18.76 -28.39
N ALA B 287 -7.18 19.09 -27.28
CA ALA B 287 -7.54 20.23 -26.45
C ALA B 287 -6.39 20.69 -25.60
N LEU B 288 -6.32 22.01 -25.35
CA LEU B 288 -5.27 22.50 -24.48
C LEU B 288 -5.71 22.34 -23.04
N LEU B 289 -4.80 21.79 -22.23
CA LEU B 289 -4.92 21.67 -20.78
C LEU B 289 -3.90 22.61 -20.12
N LYS B 290 -4.30 23.84 -19.83
CA LYS B 290 -3.36 24.80 -19.24
C LYS B 290 -3.07 24.44 -17.80
N GLY B 291 -1.79 24.51 -17.41
CA GLY B 291 -1.36 24.22 -16.05
C GLY B 291 -1.16 22.75 -15.76
N VAL B 292 -1.66 21.89 -16.65
CA VAL B 292 -1.58 20.45 -16.42
C VAL B 292 -0.23 19.87 -16.83
N VAL B 293 0.53 19.35 -15.89
CA VAL B 293 1.83 18.66 -16.17
C VAL B 293 2.01 17.35 -15.47
N SER B 294 1.25 17.15 -14.39
CA SER B 294 1.43 15.99 -13.58
C SER B 294 0.36 14.92 -13.86
N ARG B 295 0.76 13.75 -14.29
CA ARG B 295 -0.18 12.68 -14.52
C ARG B 295 -0.76 12.16 -13.19
N LYS B 296 0.10 11.91 -12.19
CA LYS B 296 -0.43 11.34 -10.93
C LYS B 296 -1.35 12.31 -10.21
N LYS B 297 -1.08 13.61 -10.31
CA LYS B 297 -1.83 14.57 -9.51
C LYS B 297 -2.95 15.21 -10.30
N GLN B 298 -2.69 15.51 -11.58
CA GLN B 298 -3.62 16.35 -12.32
C GLN B 298 -4.40 15.65 -13.42
N VAL B 299 -4.04 14.41 -13.73
CA VAL B 299 -4.73 13.67 -14.79
C VAL B 299 -5.49 12.47 -14.25
N VAL B 300 -4.77 11.56 -13.59
CA VAL B 300 -5.41 10.32 -13.08
C VAL B 300 -6.65 10.52 -12.17
N PRO B 301 -6.55 11.38 -11.14
CA PRO B 301 -7.73 11.57 -10.28
C PRO B 301 -8.98 12.11 -10.94
N VAL B 302 -8.87 13.22 -11.69
CA VAL B 302 -10.04 13.76 -12.40
C VAL B 302 -10.57 12.83 -13.50
N LEU B 303 -9.69 12.08 -14.15
CA LEU B 303 -10.14 11.19 -15.24
C LEU B 303 -10.94 10.04 -14.63
N THR B 304 -10.52 9.55 -13.46
CA THR B 304 -11.28 8.58 -12.64
C THR B 304 -12.70 9.08 -12.30
N ASP B 305 -12.78 10.28 -11.74
CA ASP B 305 -14.08 10.87 -11.40
C ASP B 305 -15.00 11.07 -12.60
N ALA B 306 -14.42 11.47 -13.74
CA ALA B 306 -15.18 11.73 -14.95
C ALA B 306 -15.69 10.44 -15.59
N MET B 307 -14.94 9.38 -15.39
CA MET B 307 -15.23 8.14 -16.07
C MET B 307 -16.29 7.35 -15.32
N ALA B 308 -16.26 7.47 -14.00
CA ALA B 308 -17.17 6.71 -13.14
C ALA B 308 -18.58 7.31 -13.17
MG MG C . -6.80 -5.88 14.60
MG MG D . -3.31 -5.57 14.68
MG MG E . -6.14 -10.63 15.64
MG MG F . -5.42 -7.68 17.03
F F G . -5.12 -5.79 15.62
S SO4 H . -21.98 0.00 22.15
O1 SO4 H . -21.88 1.46 22.03
O2 SO4 H . -20.87 -0.68 21.51
O3 SO4 H . -21.98 -0.40 23.56
O4 SO4 H . -23.20 -0.44 21.48
S SO4 I . -5.30 -10.47 12.41
O1 SO4 I . -6.07 -10.66 11.19
O2 SO4 I . -6.10 -10.88 13.57
O3 SO4 I . -4.07 -11.27 12.33
O4 SO4 I . -4.96 -9.06 12.60
CL CL J . -16.33 4.23 28.08
O1 PG4 K . -2.78 14.81 8.63
C1 PG4 K . -1.97 15.97 8.79
C2 PG4 K . -0.50 15.66 8.52
O2 PG4 K . 0.17 15.32 9.74
C3 PG4 K . 1.59 15.43 9.63
C4 PG4 K . 2.31 14.64 10.72
O3 PG4 K . 1.46 13.62 11.26
C5 PG4 K . 2.14 12.45 11.71
C6 PG4 K . 3.27 12.04 10.76
O4 PG4 K . 2.74 11.26 9.69
C7 PG4 K . 3.03 11.82 8.41
C8 PG4 K . 1.78 11.66 7.57
O5 PG4 K . 1.79 12.67 6.58
P1 2PN L . -4.99 -8.27 13.85
O1 2PN L . -6.01 -7.22 13.47
O2 2PN L . -3.62 -7.40 13.85
O3 2PN L . -5.24 -8.98 15.23
N1 2PN L . -4.89 -9.61 12.61
P2 2PN L . -5.13 -11.05 12.40
O4 2PN L . -6.03 -11.06 11.10
O5 2PN L . -3.92 -11.82 12.30
O6 2PN L . -5.87 -11.50 13.73
MG MG M . 8.42 6.95 -12.72
MG MG N . 8.46 8.77 -9.83
MG MG O . 6.33 10.89 -14.91
MG MG P . 9.16 10.08 -13.35
F F Q . 9.12 8.48 -11.63
S SO4 R . 18.37 -2.03 -24.40
O1 SO4 R . 18.93 -0.75 -24.79
O2 SO4 R . 18.16 -2.89 -25.58
O3 SO4 R . 19.34 -2.74 -23.59
O4 SO4 R . 17.03 -1.82 -23.84
S SO4 S . 3.42 9.83 -13.16
O1 SO4 S . 2.56 8.75 -13.64
O2 SO4 S . 4.46 9.30 -12.30
O3 SO4 S . 4.02 10.50 -14.32
O4 SO4 S . 2.64 10.81 -12.43
OH2 1PE T . 11.42 -4.68 6.62
C12 1PE T . 12.24 -4.51 5.48
C22 1PE T . 12.21 -3.05 5.06
OH3 1PE T . 13.28 -2.37 5.71
C13 1PE T . 14.95 -0.67 5.48
C23 1PE T . 13.52 -1.08 5.16
OH4 1PE T . 15.78 -1.14 4.43
C14 1PE T . 16.64 -3.19 5.74
C24 1PE T . 16.86 -2.04 4.76
OH5 1PE T . 16.79 -4.44 5.02
C15 1PE T . 16.20 -6.73 4.48
C25 1PE T . 15.88 -5.51 5.32
OH6 1PE T . 15.48 -6.93 3.24
C16 1PE T . 15.46 -8.65 1.54
C26 1PE T . 15.43 -8.33 3.03
OH7 1PE T . 14.34 -7.99 0.98
O1 PG4 U . 24.43 -17.40 3.21
C1 PG4 U . 24.84 -16.17 3.78
C2 PG4 U . 25.67 -15.30 2.82
O2 PG4 U . 25.51 -15.68 1.44
C3 PG4 U . 26.01 -14.69 0.54
C4 PG4 U . 25.66 -14.95 -0.93
O3 PG4 U . 24.36 -15.56 -1.08
C5 PG4 U . 24.25 -16.27 -2.32
C6 PG4 U . 22.86 -16.90 -2.55
O4 PG4 U . 22.43 -17.69 -1.43
C7 PG4 U . 21.02 -17.90 -1.36
C8 PG4 U . 20.66 -18.92 -0.27
O5 PG4 U . 21.00 -18.40 1.02
P1 2PN V . 6.30 9.15 -12.16
O1 2PN V . 6.65 7.66 -12.61
O2 2PN V . 6.68 9.54 -10.62
O3 2PN V . 6.99 10.09 -13.16
N1 2PN V . 4.66 9.45 -12.17
P2 2PN V . 3.56 10.20 -13.31
O4 2PN V . 2.49 9.15 -13.55
O5 2PN V . 2.99 11.39 -12.52
O6 2PN V . 4.36 10.64 -14.42
C1 GOL W . 31.83 9.80 -1.84
O1 GOL W . 31.48 8.80 -2.74
C2 GOL W . 31.89 9.03 -0.56
O2 GOL W . 31.95 9.93 0.50
C3 GOL W . 33.02 8.02 -0.67
O3 GOL W . 32.49 6.71 -0.47
C1 GOL X . 8.14 9.54 -38.66
O1 GOL X . 7.55 10.43 -37.74
C2 GOL X . 7.12 8.46 -38.95
O2 GOL X . 5.87 8.98 -38.56
C3 GOL X . 7.45 7.26 -38.08
O3 GOL X . 7.82 7.79 -36.83
C1 GOL Y . 26.36 0.27 -19.03
O1 GOL Y . 25.87 -1.04 -18.88
C2 GOL Y . 25.51 1.07 -19.99
O2 GOL Y . 25.78 0.74 -21.34
C3 GOL Y . 25.85 2.52 -19.88
O3 GOL Y . 24.61 3.16 -19.81
#